data_4C8S
#
_entry.id   4C8S
#
_cell.length_a   89.057
_cell.length_b   100.251
_cell.length_c   219.521
_cell.angle_alpha   90.00
_cell.angle_beta   90.00
_cell.angle_gamma   90.00
#
_symmetry.space_group_name_H-M   'P 2 21 21'
#
loop_
_entity.id
_entity.type
_entity.pdbx_description
1 polymer 'DNA POLYMERASE ALPHA-BINDING PROTEIN'
2 water water
#
_entity_poly.entity_id   1
_entity_poly.type   'polypeptide(L)'
_entity_poly.pdbx_seq_one_letter_code
;MGSSHHHHHHSQDPENLYFQGTGKFRYMPFSPAGTPFGFTDRRYLTMNEVGYVSTVKNSEQYSITVSFFDVGRFREYHFE
DLFGYDLCFLNEKGTLFGQSKTGQIQYRPHDSIHSNWTKIIPLQAGERITSVAATPVRVIVGTSLGYFRSFNQFGVPFAV
EKTSPIVALTAQNYRVFSVHYSQFHGLSYSLSELGTSSKRYYKRECPLPMSLPNINSDMKKDANLDYYNFNPMGIKSLFF
SSYGDPCIFGSDNTLLLLSKWRSPEESKWLPILDSNMEIWKMSGGKETTDIHVWPLALAYDTLNCILVKGKHIWPEFPLP
LPSEMEIRMPVFVKSKLLEENKAILNKKNEIGADTEAEEGEEDKEIQIPVSMAAEEEYLRSKVLSELLTDTLENDGEMYG
NENEVLAALNGAYDKALLRLFASACSDQNVEKALSLAHELKQDRALTAAVKISERAELPSLVKKINNIREARYEQQLK
;
_entity_poly.pdbx_strand_id   A,B,C
#
# COMPACT_ATOMS: atom_id res chain seq x y z
N PHE A 25 10.20 5.21 16.70
CA PHE A 25 9.33 6.30 16.24
C PHE A 25 8.08 6.42 17.09
N ARG A 26 7.61 7.65 17.29
CA ARG A 26 6.45 7.90 18.15
C ARG A 26 5.22 8.31 17.35
N TYR A 27 4.18 7.49 17.43
CA TYR A 27 2.91 7.78 16.77
C TYR A 27 2.10 8.81 17.55
N MET A 28 1.57 9.80 16.84
CA MET A 28 0.81 10.87 17.48
C MET A 28 -0.66 10.79 17.10
N PRO A 29 -1.54 11.20 18.04
CA PRO A 29 -3.00 11.21 17.81
C PRO A 29 -3.41 12.14 16.67
N PHE A 30 -4.02 11.56 15.64
CA PHE A 30 -4.39 12.33 14.45
C PHE A 30 -5.88 12.63 14.37
N SER A 31 -6.20 13.82 13.89
CA SER A 31 -7.57 14.21 13.58
C SER A 31 -7.55 15.21 12.44
N PRO A 32 -8.53 15.12 11.54
CA PRO A 32 -8.58 16.02 10.37
C PRO A 32 -8.56 17.50 10.77
N ALA A 33 -7.56 18.21 10.26
CA ALA A 33 -7.42 19.66 10.44
C ALA A 33 -7.26 20.08 11.90
N GLY A 34 -6.79 19.15 12.73
CA GLY A 34 -6.51 19.46 14.12
C GLY A 34 -5.30 20.37 14.27
N THR A 35 -5.33 21.22 15.29
CA THR A 35 -4.24 22.15 15.55
C THR A 35 -3.63 21.84 16.92
N PRO A 36 -2.36 22.22 17.13
CA PRO A 36 -1.73 22.03 18.45
C PRO A 36 -2.01 23.19 19.40
N PHE A 37 -1.77 22.99 20.70
CA PHE A 37 -1.93 24.04 21.69
C PHE A 37 -0.96 25.21 21.49
N GLY A 38 0.30 24.89 21.23
CA GLY A 38 1.33 25.91 21.12
C GLY A 38 1.55 26.55 22.47
N PHE A 39 1.47 27.87 22.55
CA PHE A 39 1.62 28.57 23.82
C PHE A 39 0.28 28.91 24.44
N THR A 40 -0.78 28.28 23.98
CA THR A 40 -2.10 28.57 24.53
C THR A 40 -2.67 27.36 25.27
N ASP A 41 -3.86 27.54 25.83
CA ASP A 41 -4.54 26.50 26.57
C ASP A 41 -5.70 25.96 25.75
N ARG A 42 -5.68 26.25 24.45
CA ARG A 42 -6.74 25.82 23.57
C ARG A 42 -6.24 25.47 22.18
N ARG A 43 -6.99 24.60 21.51
CA ARG A 43 -6.67 24.17 20.16
C ARG A 43 -7.93 23.62 19.52
N TYR A 44 -7.87 23.30 18.24
CA TYR A 44 -8.98 22.65 17.57
C TYR A 44 -8.72 21.16 17.52
N LEU A 45 -9.71 20.38 17.96
CA LEU A 45 -9.61 18.92 17.89
C LEU A 45 -9.73 18.45 16.46
N THR A 46 -10.80 18.88 15.79
CA THR A 46 -11.02 18.54 14.38
C THR A 46 -11.78 19.65 13.68
N MET A 47 -11.89 19.54 12.36
CA MET A 47 -12.42 20.64 11.54
C MET A 47 -12.76 20.17 10.13
N ASN A 48 -13.97 20.45 9.67
CA ASN A 48 -14.35 20.14 8.29
C ASN A 48 -15.47 21.04 7.78
N GLU A 49 -16.20 20.58 6.76
CA GLU A 49 -17.24 21.41 6.15
C GLU A 49 -18.47 21.53 7.06
N VAL A 50 -18.61 20.62 8.01
CA VAL A 50 -19.75 20.63 8.92
C VAL A 50 -19.59 21.70 10.00
N GLY A 51 -18.40 21.77 10.57
CA GLY A 51 -18.12 22.73 11.62
C GLY A 51 -16.72 22.56 12.18
N TYR A 52 -16.55 22.93 13.45
CA TYR A 52 -15.25 22.80 14.11
C TYR A 52 -15.41 22.47 15.58
N VAL A 53 -14.47 21.67 16.10
CA VAL A 53 -14.47 21.28 17.50
C VAL A 53 -13.19 21.74 18.20
N SER A 54 -13.35 22.53 19.26
CA SER A 54 -12.22 23.07 20.00
C SER A 54 -12.22 22.55 21.43
N THR A 55 -11.06 22.62 22.07
CA THR A 55 -10.94 22.21 23.46
C THR A 55 -10.08 23.22 24.23
N VAL A 56 -10.54 23.60 25.42
CA VAL A 56 -9.81 24.55 26.26
C VAL A 56 -9.42 23.92 27.59
N LYS A 57 -8.20 24.19 28.04
CA LYS A 57 -7.72 23.66 29.32
C LYS A 57 -8.42 24.32 30.50
N ASN A 58 -9.14 23.51 31.26
CA ASN A 58 -9.89 23.97 32.43
C ASN A 58 -9.27 23.46 33.73
N SER A 59 -8.21 24.12 34.17
CA SER A 59 -7.44 23.70 35.34
C SER A 59 -6.95 22.27 35.17
N GLU A 60 -7.71 21.31 35.70
CA GLU A 60 -7.33 19.90 35.63
C GLU A 60 -8.14 19.15 34.57
N GLN A 61 -9.23 19.75 34.11
CA GLN A 61 -10.07 19.15 33.07
C GLN A 61 -10.03 19.97 31.79
N TYR A 62 -11.01 19.73 30.91
CA TYR A 62 -11.09 20.42 29.64
C TYR A 62 -12.51 20.85 29.30
N SER A 63 -12.65 21.95 28.57
CA SER A 63 -13.95 22.43 28.10
C SER A 63 -14.07 22.30 26.59
N ILE A 64 -14.81 21.29 26.14
CA ILE A 64 -14.97 21.02 24.70
C ILE A 64 -16.16 21.73 24.10
N THR A 65 -15.95 22.41 22.98
CA THR A 65 -17.00 23.14 22.29
C THR A 65 -17.21 22.64 20.86
N VAL A 66 -18.44 22.26 20.54
CA VAL A 66 -18.76 21.78 19.19
C VAL A 66 -19.57 22.84 18.43
N SER A 67 -18.99 23.39 17.37
CA SER A 67 -19.62 24.48 16.63
C SER A 67 -19.94 24.08 15.18
N PHE A 68 -20.89 24.78 14.57
CA PHE A 68 -21.33 24.46 13.21
C PHE A 68 -21.31 25.69 12.30
N PHE A 69 -21.21 25.47 10.99
CA PHE A 69 -21.21 26.58 10.03
C PHE A 69 -22.63 26.88 9.55
N ASP A 70 -23.44 25.83 9.45
CA ASP A 70 -24.86 26.00 9.17
C ASP A 70 -25.57 26.18 10.50
N VAL A 71 -25.65 27.41 10.97
CA VAL A 71 -26.23 27.72 12.28
C VAL A 71 -27.71 27.32 12.36
N GLY A 72 -28.38 27.32 11.21
CA GLY A 72 -29.79 26.95 11.15
C GLY A 72 -30.05 25.49 11.49
N ARG A 73 -29.25 24.60 10.93
CA ARG A 73 -29.43 23.17 11.12
C ARG A 73 -29.15 22.71 12.54
N PHE A 74 -27.93 22.93 13.00
CA PHE A 74 -27.48 22.40 14.29
C PHE A 74 -27.25 23.49 15.31
N ARG A 75 -27.30 23.10 16.58
CA ARG A 75 -27.12 24.05 17.66
C ARG A 75 -25.76 23.86 18.31
N GLU A 76 -24.97 24.91 18.32
CA GLU A 76 -23.66 24.88 18.96
C GLU A 76 -23.81 24.52 20.45
N TYR A 77 -22.98 23.62 20.92
CA TYR A 77 -23.02 23.22 22.33
C TYR A 77 -21.63 23.00 22.90
N HIS A 78 -21.56 22.81 24.21
CA HIS A 78 -20.29 22.55 24.87
C HIS A 78 -20.48 21.65 26.10
N PHE A 79 -19.42 20.98 26.50
CA PHE A 79 -19.49 20.11 27.67
C PHE A 79 -18.10 20.00 28.30
N GLU A 80 -18.05 19.42 29.50
CA GLU A 80 -16.79 19.33 30.24
C GLU A 80 -16.14 17.98 30.07
N ASP A 81 -14.87 17.99 29.67
CA ASP A 81 -14.15 16.76 29.38
C ASP A 81 -13.31 16.33 30.59
N LEU A 82 -13.76 15.29 31.25
CA LEU A 82 -13.07 14.78 32.43
C LEU A 82 -12.07 13.67 32.07
N PHE A 83 -11.85 13.49 30.78
CA PHE A 83 -11.01 12.40 30.29
C PHE A 83 -9.78 12.92 29.55
N GLY A 84 -9.94 14.02 28.84
CA GLY A 84 -8.84 14.61 28.10
C GLY A 84 -8.78 14.11 26.67
N TYR A 85 -9.91 14.20 25.98
CA TYR A 85 -10.01 13.74 24.59
C TYR A 85 -9.02 14.48 23.70
N ASP A 86 -8.19 13.73 22.99
CA ASP A 86 -7.22 14.31 22.06
C ASP A 86 -7.48 13.84 20.63
N LEU A 87 -8.53 13.04 20.47
CA LEU A 87 -8.94 12.53 19.17
C LEU A 87 -10.38 12.91 18.88
N CYS A 88 -10.66 13.33 17.65
CA CYS A 88 -12.03 13.72 17.32
C CYS A 88 -12.31 13.58 15.84
N PHE A 89 -13.58 13.38 15.51
CA PHE A 89 -14.05 13.33 14.13
C PHE A 89 -15.50 13.83 14.06
N LEU A 90 -15.78 14.66 13.05
CA LEU A 90 -17.10 15.30 12.95
C LEU A 90 -17.83 14.94 11.66
N ASN A 91 -19.11 14.57 11.78
CA ASN A 91 -19.95 14.41 10.61
C ASN A 91 -21.29 15.12 10.80
N GLU A 92 -22.20 14.93 9.85
CA GLU A 92 -23.48 15.65 9.84
C GLU A 92 -24.50 15.13 10.85
N LYS A 93 -24.22 13.98 11.45
CA LYS A 93 -25.18 13.36 12.34
C LYS A 93 -24.67 13.25 13.77
N GLY A 94 -23.36 13.40 13.95
CA GLY A 94 -22.78 13.29 15.28
C GLY A 94 -21.30 13.62 15.35
N THR A 95 -20.76 13.52 16.56
CA THR A 95 -19.34 13.79 16.81
C THR A 95 -18.72 12.63 17.58
N LEU A 96 -17.52 12.22 17.17
CA LEU A 96 -16.81 11.15 17.84
C LEU A 96 -15.60 11.68 18.59
N PHE A 97 -15.41 11.22 19.82
CA PHE A 97 -14.27 11.63 20.63
C PHE A 97 -13.44 10.43 21.06
N GLY A 98 -12.15 10.65 21.27
CA GLY A 98 -11.25 9.59 21.65
C GLY A 98 -10.10 10.04 22.52
N GLN A 99 -9.69 9.15 23.42
CA GLN A 99 -8.52 9.37 24.27
C GLN A 99 -7.42 8.39 23.87
N SER A 100 -6.31 8.92 23.34
CA SER A 100 -5.27 8.09 22.74
C SER A 100 -4.61 7.15 23.73
N LYS A 101 -4.63 7.52 25.01
CA LYS A 101 -3.90 6.76 26.03
C LYS A 101 -4.79 5.78 26.79
N THR A 102 -5.95 6.24 27.26
CA THR A 102 -6.82 5.36 28.03
C THR A 102 -7.64 4.47 27.11
N GLY A 103 -7.85 4.93 25.88
CA GLY A 103 -8.58 4.15 24.89
C GLY A 103 -10.08 4.31 25.01
N GLN A 104 -10.50 5.41 25.62
CA GLN A 104 -11.93 5.66 25.80
C GLN A 104 -12.50 6.52 24.69
N ILE A 105 -13.56 6.03 24.05
CA ILE A 105 -14.24 6.79 23.01
C ILE A 105 -15.66 7.14 23.42
N GLN A 106 -16.19 8.22 22.85
CA GLN A 106 -17.57 8.62 23.09
C GLN A 106 -18.19 9.19 21.81
N TYR A 107 -19.37 8.68 21.45
CA TYR A 107 -20.08 9.19 20.29
C TYR A 107 -21.31 9.99 20.70
N ARG A 108 -21.33 11.25 20.28
CA ARG A 108 -22.43 12.15 20.61
C ARG A 108 -23.20 12.58 19.36
N PRO A 109 -24.37 11.98 19.12
CA PRO A 109 -25.24 12.43 18.02
C PRO A 109 -25.66 13.88 18.21
N HIS A 110 -25.83 14.61 17.11
CA HIS A 110 -26.20 16.02 17.19
C HIS A 110 -27.60 16.22 17.78
N ASP A 111 -28.55 15.38 17.37
CA ASP A 111 -29.90 15.50 17.90
C ASP A 111 -29.95 14.83 19.27
N SER A 112 -30.91 15.23 20.11
CA SER A 112 -31.00 14.69 21.46
C SER A 112 -31.84 13.42 21.48
N ILE A 113 -32.46 13.14 20.35
CA ILE A 113 -33.30 11.96 20.16
C ILE A 113 -32.48 10.70 20.37
N HIS A 114 -31.26 10.71 19.84
CA HIS A 114 -30.35 9.57 19.93
C HIS A 114 -29.42 9.75 21.12
N SER A 115 -29.20 8.67 21.88
CA SER A 115 -28.38 8.75 23.08
C SER A 115 -26.89 8.75 22.78
N ASN A 116 -26.12 9.38 23.67
CA ASN A 116 -24.66 9.25 23.63
C ASN A 116 -24.27 7.86 24.09
N TRP A 117 -23.13 7.35 23.60
CA TRP A 117 -22.61 6.11 24.16
C TRP A 117 -21.09 6.17 24.32
N THR A 118 -20.59 5.32 25.21
CA THR A 118 -19.18 5.30 25.54
C THR A 118 -18.62 3.87 25.57
N LYS A 119 -17.44 3.69 25.00
CA LYS A 119 -16.71 2.43 25.10
C LYS A 119 -15.26 2.66 25.50
N ILE A 120 -14.61 1.60 25.96
CA ILE A 120 -13.18 1.65 26.19
C ILE A 120 -12.47 0.63 25.32
N ILE A 121 -11.59 1.11 24.47
CA ILE A 121 -10.82 0.26 23.56
C ILE A 121 -9.65 -0.38 24.29
N PRO A 122 -9.56 -1.73 24.23
CA PRO A 122 -8.42 -2.46 24.80
C PRO A 122 -7.10 -2.03 24.18
N LEU A 123 -6.14 -1.66 25.02
CA LEU A 123 -4.82 -1.24 24.54
C LEU A 123 -3.71 -2.01 25.24
N GLN A 124 -2.83 -2.62 24.44
CA GLN A 124 -1.68 -3.33 25.00
C GLN A 124 -0.60 -2.35 25.44
N ALA A 125 0.53 -2.89 25.88
CA ALA A 125 1.63 -2.06 26.38
C ALA A 125 2.19 -1.16 25.29
N GLY A 126 2.04 0.15 25.48
CA GLY A 126 2.58 1.12 24.54
C GLY A 126 1.67 1.36 23.35
N GLU A 127 0.55 0.65 23.30
CA GLU A 127 -0.41 0.83 22.21
C GLU A 127 -1.22 2.09 22.43
N ARG A 128 -1.33 2.91 21.38
CA ARG A 128 -2.08 4.15 21.44
C ARG A 128 -3.12 4.19 20.32
N ILE A 129 -4.26 4.82 20.58
CA ILE A 129 -5.20 5.09 19.49
C ILE A 129 -4.64 6.26 18.70
N THR A 130 -4.53 6.08 17.39
CA THR A 130 -3.86 7.06 16.56
C THR A 130 -4.83 7.91 15.74
N SER A 131 -6.02 7.37 15.47
CA SER A 131 -6.99 8.06 14.63
C SER A 131 -8.38 7.45 14.79
N VAL A 132 -9.42 8.29 14.77
CA VAL A 132 -10.80 7.80 14.81
C VAL A 132 -11.64 8.47 13.72
N ALA A 133 -12.71 7.79 13.32
CA ALA A 133 -13.62 8.32 12.30
C ALA A 133 -15.02 7.77 12.49
N ALA A 134 -16.00 8.50 11.98
CA ALA A 134 -17.39 8.08 12.12
C ALA A 134 -18.25 8.58 10.95
N THR A 135 -19.15 7.72 10.50
CA THR A 135 -20.18 8.10 9.55
C THR A 135 -21.52 7.89 10.26
N PRO A 136 -22.65 8.29 9.63
CA PRO A 136 -23.93 7.97 10.24
C PRO A 136 -24.17 6.47 10.48
N VAL A 137 -23.38 5.60 9.88
CA VAL A 137 -23.60 4.16 10.01
C VAL A 137 -22.38 3.40 10.57
N ARG A 138 -21.24 4.06 10.65
CA ARG A 138 -20.02 3.39 11.10
C ARG A 138 -19.17 4.22 12.05
N VAL A 139 -18.51 3.54 12.98
CA VAL A 139 -17.54 4.16 13.88
C VAL A 139 -16.23 3.39 13.77
N ILE A 140 -15.13 4.11 13.53
CA ILE A 140 -13.84 3.47 13.24
C ILE A 140 -12.76 3.93 14.21
N VAL A 141 -11.97 2.97 14.70
CA VAL A 141 -10.84 3.25 15.58
C VAL A 141 -9.58 2.54 15.10
N GLY A 142 -8.48 3.29 14.95
CA GLY A 142 -7.21 2.72 14.56
C GLY A 142 -6.11 2.94 15.60
N THR A 143 -5.26 1.94 15.78
CA THR A 143 -4.19 2.03 16.79
C THR A 143 -2.79 1.95 16.19
N SER A 144 -1.79 2.14 17.05
CA SER A 144 -0.40 2.16 16.63
C SER A 144 0.16 0.76 16.34
N LEU A 145 -0.54 -0.26 16.84
CA LEU A 145 -0.13 -1.63 16.58
C LEU A 145 -0.83 -2.20 15.35
N GLY A 146 -1.75 -1.41 14.80
CA GLY A 146 -2.46 -1.81 13.60
C GLY A 146 -3.78 -2.48 13.88
N TYR A 147 -4.39 -2.16 15.01
CA TYR A 147 -5.71 -2.69 15.32
C TYR A 147 -6.78 -1.81 14.69
N PHE A 148 -7.65 -2.45 13.91
CA PHE A 148 -8.72 -1.78 13.21
C PHE A 148 -10.05 -2.23 13.79
N ARG A 149 -10.57 -1.43 14.72
CA ARG A 149 -11.81 -1.79 15.38
C ARG A 149 -12.97 -0.97 14.81
N SER A 150 -14.03 -1.66 14.39
CA SER A 150 -15.17 -0.99 13.76
C SER A 150 -16.47 -1.30 14.49
N PHE A 151 -17.38 -0.34 14.46
CA PHE A 151 -18.67 -0.46 15.13
C PHE A 151 -19.76 0.15 14.26
N ASN A 152 -21.02 -0.06 14.62
CA ASN A 152 -22.10 0.70 14.00
C ASN A 152 -22.30 2.01 14.77
N GLN A 153 -23.32 2.78 14.43
CA GLN A 153 -23.49 4.10 15.05
C GLN A 153 -23.94 3.99 16.51
N PHE A 154 -24.23 2.76 16.95
CA PHE A 154 -24.74 2.56 18.30
C PHE A 154 -23.71 1.90 19.21
N GLY A 155 -22.57 1.52 18.65
CA GLY A 155 -21.49 0.96 19.43
C GLY A 155 -21.43 -0.56 19.39
N VAL A 156 -22.20 -1.16 18.50
CA VAL A 156 -22.16 -2.61 18.31
C VAL A 156 -20.96 -2.99 17.45
N PRO A 157 -20.05 -3.78 18.01
CA PRO A 157 -18.80 -4.16 17.32
C PRO A 157 -19.06 -5.10 16.14
N PHE A 158 -18.29 -4.94 15.06
CA PHE A 158 -18.40 -5.83 13.91
C PHE A 158 -17.32 -6.89 13.81
N ALA A 159 -16.06 -6.46 13.78
CA ALA A 159 -14.93 -7.40 13.80
C ALA A 159 -13.64 -6.65 14.07
N VAL A 160 -12.75 -7.27 14.83
CA VAL A 160 -11.45 -6.67 15.09
C VAL A 160 -10.43 -7.19 14.07
N GLU A 161 -9.80 -6.26 13.36
CA GLU A 161 -8.84 -6.62 12.32
C GLU A 161 -7.43 -6.13 12.64
N LYS A 162 -6.43 -6.89 12.21
CA LYS A 162 -5.04 -6.54 12.40
C LYS A 162 -4.40 -6.14 11.07
N THR A 163 -3.97 -4.89 10.97
CA THR A 163 -3.32 -4.39 9.76
C THR A 163 -1.98 -3.74 10.12
N SER A 164 -1.44 -2.97 9.19
CA SER A 164 -0.25 -2.18 9.46
C SER A 164 -0.63 -1.07 10.44
N PRO A 165 0.35 -0.58 11.21
CA PRO A 165 0.10 0.57 12.09
C PRO A 165 -0.62 1.70 11.36
N ILE A 166 -1.72 2.16 11.93
CA ILE A 166 -2.55 3.19 11.31
C ILE A 166 -2.15 4.58 11.82
N VAL A 167 -2.04 5.54 10.92
CA VAL A 167 -1.68 6.90 11.33
C VAL A 167 -2.81 7.89 11.10
N ALA A 168 -3.69 7.62 10.14
CA ALA A 168 -4.80 8.51 9.86
C ALA A 168 -6.00 7.78 9.25
N LEU A 169 -7.20 8.20 9.64
CA LEU A 169 -8.44 7.58 9.18
C LEU A 169 -9.45 8.62 8.73
N THR A 170 -10.20 8.29 7.69
CA THR A 170 -11.40 9.04 7.33
C THR A 170 -12.42 8.10 6.73
N ALA A 171 -13.69 8.49 6.76
CA ALA A 171 -14.74 7.60 6.29
C ALA A 171 -15.90 8.38 5.68
N GLN A 172 -16.70 7.67 4.89
CA GLN A 172 -17.88 8.23 4.25
C GLN A 172 -18.87 7.10 4.05
N ASN A 173 -20.06 7.24 4.64
CA ASN A 173 -21.07 6.20 4.59
C ASN A 173 -20.51 4.85 5.06
N TYR A 174 -20.25 3.94 4.12
CA TYR A 174 -19.73 2.62 4.49
C TYR A 174 -18.29 2.41 4.07
N ARG A 175 -17.67 3.43 3.49
CA ARG A 175 -16.32 3.30 2.95
C ARG A 175 -15.28 3.98 3.84
N VAL A 176 -14.08 3.41 3.87
CA VAL A 176 -13.01 3.91 4.73
C VAL A 176 -11.71 4.14 3.94
N PHE A 177 -11.10 5.30 4.18
CA PHE A 177 -9.79 5.61 3.63
C PHE A 177 -8.79 5.66 4.79
N SER A 178 -7.87 4.71 4.80
CA SER A 178 -6.90 4.60 5.90
C SER A 178 -5.46 4.77 5.45
N VAL A 179 -4.66 5.44 6.28
CA VAL A 179 -3.25 5.66 5.99
C VAL A 179 -2.37 4.92 6.99
N HIS A 180 -1.41 4.15 6.50
CA HIS A 180 -0.57 3.32 7.36
C HIS A 180 0.90 3.72 7.28
N TYR A 181 1.66 3.40 8.32
CA TYR A 181 3.09 3.73 8.36
C TYR A 181 3.91 2.65 9.06
N SER A 182 5.13 2.45 8.57
CA SER A 182 6.07 1.47 9.13
C SER A 182 7.49 1.96 8.88
N GLN A 183 8.47 1.11 9.21
CA GLN A 183 9.87 1.41 8.90
C GLN A 183 10.23 0.90 7.51
N PHE A 184 9.37 0.05 6.94
CA PHE A 184 9.66 -0.61 5.66
C PHE A 184 9.13 0.17 4.45
N HIS A 185 7.83 0.11 4.22
CA HIS A 185 7.23 0.78 3.07
C HIS A 185 7.15 2.29 3.25
N GLY A 186 7.27 2.74 4.49
CA GLY A 186 7.03 4.15 4.79
C GLY A 186 5.53 4.35 4.83
N LEU A 187 5.02 5.25 3.99
CA LEU A 187 3.60 5.54 3.97
C LEU A 187 2.85 4.75 2.90
N SER A 188 1.73 4.15 3.31
CA SER A 188 0.86 3.44 2.38
C SER A 188 -0.60 3.75 2.75
N TYR A 189 -1.51 3.38 1.85
CA TYR A 189 -2.93 3.63 2.10
C TYR A 189 -3.78 2.41 1.74
N SER A 190 -4.91 2.28 2.43
CA SER A 190 -5.87 1.23 2.09
C SER A 190 -7.26 1.84 1.88
N LEU A 191 -8.00 1.25 0.94
CA LEU A 191 -9.34 1.72 0.64
C LEU A 191 -10.31 0.56 0.76
N SER A 192 -11.29 0.68 1.64
CA SER A 192 -12.18 -0.43 1.93
C SER A 192 -13.64 -0.01 2.11
N GLU A 193 -14.53 -0.98 2.07
CA GLU A 193 -15.94 -0.74 2.31
C GLU A 193 -16.46 -1.70 3.38
N LEU A 194 -17.10 -1.14 4.40
CA LEU A 194 -17.66 -1.94 5.47
C LEU A 194 -19.12 -2.20 5.22
N GLY A 195 -19.42 -3.08 4.27
CA GLY A 195 -20.79 -3.36 3.90
C GLY A 195 -21.61 -4.02 4.99
N THR A 196 -22.85 -4.32 4.64
CA THR A 196 -23.78 -4.99 5.54
C THR A 196 -23.36 -6.46 5.64
N SER A 197 -22.68 -6.94 4.60
CA SER A 197 -22.28 -8.34 4.53
C SER A 197 -20.86 -8.59 5.06
N SER A 198 -19.85 -8.08 4.37
CA SER A 198 -18.46 -8.30 4.80
C SER A 198 -17.58 -7.11 4.41
N LYS A 199 -16.34 -7.11 4.90
CA LYS A 199 -15.41 -6.04 4.57
C LYS A 199 -14.69 -6.34 3.26
N ARG A 200 -14.70 -5.38 2.35
CA ARG A 200 -14.05 -5.53 1.05
C ARG A 200 -12.99 -4.46 0.80
N TYR A 201 -11.84 -4.88 0.28
CA TYR A 201 -10.77 -3.94 -0.04
C TYR A 201 -10.76 -3.58 -1.53
N TYR A 202 -10.77 -2.29 -1.81
CA TYR A 202 -10.52 -1.80 -3.17
C TYR A 202 -9.03 -1.69 -3.39
N LYS A 203 -8.34 -1.20 -2.37
CA LYS A 203 -6.89 -1.04 -2.40
C LYS A 203 -6.36 -1.43 -1.03
N ARG A 204 -5.30 -2.23 -1.00
CA ARG A 204 -4.73 -2.67 0.26
C ARG A 204 -3.24 -2.33 0.40
N GLU A 205 -2.98 -1.31 1.20
CA GLU A 205 -1.61 -0.87 1.52
C GLU A 205 -0.75 -0.65 0.27
N CYS A 206 -1.31 0.10 -0.68
CA CYS A 206 -0.59 0.56 -1.85
C CYS A 206 0.20 1.83 -1.50
N PRO A 207 1.22 2.17 -2.32
CA PRO A 207 2.05 3.35 -2.03
C PRO A 207 1.28 4.67 -1.98
N LEU A 208 1.59 5.49 -0.98
CA LEU A 208 0.99 6.82 -0.84
C LEU A 208 2.03 7.90 -1.14
N PRO A 209 2.00 8.44 -2.37
CA PRO A 209 3.02 9.36 -2.87
C PRO A 209 2.88 10.78 -2.33
N MET A 210 2.54 10.91 -1.06
CA MET A 210 2.45 12.20 -0.42
C MET A 210 3.82 12.61 0.11
N SER A 211 4.24 13.83 -0.18
CA SER A 211 5.53 14.31 0.31
C SER A 211 5.52 14.47 1.82
N LEU A 212 6.55 13.93 2.46
CA LEU A 212 6.73 14.04 3.90
C LEU A 212 7.42 15.37 4.25
N PRO A 213 7.24 15.84 5.49
CA PRO A 213 7.90 17.10 5.89
C PRO A 213 9.43 16.98 5.89
N ASN A 214 10.11 18.00 5.39
CA ASN A 214 11.57 18.02 5.40
C ASN A 214 12.13 19.02 6.41
N ASP A 222 12.88 26.18 13.69
CA ASP A 222 11.78 26.53 12.78
C ASP A 222 10.56 26.96 13.60
N ALA A 223 9.73 27.85 13.04
CA ALA A 223 8.58 28.39 13.76
C ALA A 223 7.39 27.41 13.78
N ASN A 224 7.37 26.52 12.80
CA ASN A 224 6.29 25.55 12.67
C ASN A 224 6.65 24.21 13.28
N LEU A 225 7.77 24.17 13.99
CA LEU A 225 8.26 22.95 14.61
C LEU A 225 7.21 22.38 15.57
N ASP A 226 6.44 23.27 16.21
CA ASP A 226 5.40 22.83 17.13
C ASP A 226 4.38 21.97 16.41
N TYR A 227 4.13 22.27 15.14
CA TYR A 227 3.13 21.52 14.37
C TYR A 227 3.60 20.12 14.00
N TYR A 228 4.82 20.00 13.53
CA TYR A 228 5.34 18.71 13.06
C TYR A 228 5.72 17.78 14.22
N ASN A 229 5.79 18.32 15.43
CA ASN A 229 5.94 17.47 16.61
C ASN A 229 4.56 16.95 16.97
N PHE A 230 3.56 17.76 16.65
CA PHE A 230 2.16 17.45 16.89
C PHE A 230 1.61 16.57 15.76
N ASN A 231 2.12 16.81 14.55
CA ASN A 231 1.73 16.06 13.37
C ASN A 231 2.98 15.69 12.56
N PRO A 232 3.62 14.58 12.92
CA PRO A 232 4.85 14.13 12.27
C PRO A 232 4.71 13.96 10.76
N MET A 233 3.62 13.34 10.31
CA MET A 233 3.41 13.09 8.90
C MET A 233 3.13 14.35 8.10
N GLY A 234 2.67 15.40 8.78
CA GLY A 234 2.35 16.65 8.13
C GLY A 234 1.05 16.57 7.36
N ILE A 235 0.24 15.57 7.68
CA ILE A 235 -1.07 15.41 7.05
C ILE A 235 -2.03 16.42 7.64
N LYS A 236 -2.19 17.54 6.96
CA LYS A 236 -3.05 18.61 7.47
C LYS A 236 -4.50 18.15 7.54
N SER A 237 -4.95 17.41 6.51
CA SER A 237 -6.25 16.77 6.56
C SER A 237 -6.37 15.72 5.47
N LEU A 238 -7.35 14.83 5.60
CA LEU A 238 -7.67 13.85 4.56
C LEU A 238 -9.16 13.58 4.62
N PHE A 239 -9.77 13.29 3.47
CA PHE A 239 -11.20 13.13 3.40
C PHE A 239 -11.66 12.57 2.06
N PHE A 240 -12.86 12.01 2.05
CA PHE A 240 -13.52 11.70 0.80
C PHE A 240 -14.06 12.99 0.21
N SER A 241 -14.01 13.12 -1.10
CA SER A 241 -14.62 14.27 -1.74
C SER A 241 -16.14 14.16 -1.60
N SER A 242 -16.84 15.22 -1.97
CA SER A 242 -18.30 15.20 -1.91
C SER A 242 -18.86 14.11 -2.83
N TYR A 243 -18.12 13.79 -3.88
CA TYR A 243 -18.56 12.75 -4.82
C TYR A 243 -17.94 11.39 -4.52
N GLY A 244 -17.21 11.31 -3.41
CA GLY A 244 -16.71 10.03 -2.91
C GLY A 244 -15.31 9.61 -3.35
N ASP A 245 -14.47 10.56 -3.72
CA ASP A 245 -13.10 10.26 -4.09
C ASP A 245 -12.14 10.62 -2.95
N PRO A 246 -11.21 9.71 -2.62
CA PRO A 246 -10.25 9.94 -1.54
C PRO A 246 -9.30 11.10 -1.82
N CYS A 247 -9.14 11.99 -0.84
CA CYS A 247 -8.24 13.13 -0.97
C CYS A 247 -7.33 13.28 0.25
N ILE A 248 -6.13 13.79 0.01
CA ILE A 248 -5.20 14.03 1.11
C ILE A 248 -4.44 15.34 0.88
N PHE A 249 -4.11 16.01 1.98
CA PHE A 249 -3.53 17.35 1.95
C PHE A 249 -2.34 17.40 2.89
N GLY A 250 -1.13 17.27 2.33
CA GLY A 250 0.07 17.18 3.13
C GLY A 250 0.76 18.50 3.40
N SER A 251 1.95 18.41 4.01
CA SER A 251 2.71 19.60 4.38
C SER A 251 3.20 20.38 3.17
N ASP A 252 3.17 19.76 2.00
CA ASP A 252 3.54 20.45 0.76
C ASP A 252 2.37 21.29 0.24
N ASN A 253 1.28 21.29 1.00
CA ASN A 253 0.10 22.11 0.71
C ASN A 253 -0.48 21.85 -0.67
N THR A 254 -0.39 20.59 -1.11
CA THR A 254 -0.93 20.19 -2.40
C THR A 254 -2.03 19.17 -2.19
N LEU A 255 -3.19 19.43 -2.81
CA LEU A 255 -4.32 18.52 -2.69
C LEU A 255 -4.14 17.34 -3.65
N LEU A 256 -4.05 16.14 -3.08
CA LEU A 256 -3.94 14.93 -3.89
C LEU A 256 -5.27 14.17 -3.93
N LEU A 257 -5.74 13.87 -5.13
CA LEU A 257 -6.96 13.10 -5.31
C LEU A 257 -6.65 11.75 -5.97
N LEU A 258 -7.28 10.69 -5.48
CA LEU A 258 -7.07 9.37 -6.05
C LEU A 258 -8.04 9.10 -7.20
N SER A 259 -7.49 8.94 -8.39
CA SER A 259 -8.29 8.69 -9.58
C SER A 259 -8.34 7.21 -9.94
N LYS A 260 -9.49 6.76 -10.42
CA LYS A 260 -9.68 5.36 -10.84
C LYS A 260 -9.42 4.36 -9.72
N TRP A 261 -9.87 4.67 -8.51
CA TRP A 261 -9.60 3.79 -7.38
C TRP A 261 -10.43 2.50 -7.45
N ARG A 262 -11.42 2.48 -8.34
CA ARG A 262 -12.24 1.28 -8.54
C ARG A 262 -11.55 0.27 -9.45
N SER A 263 -10.63 0.73 -10.28
CA SER A 263 -9.85 -0.14 -11.17
C SER A 263 -8.40 -0.18 -10.73
N PRO A 264 -8.02 -1.23 -9.98
CA PRO A 264 -6.71 -1.36 -9.34
C PRO A 264 -5.52 -1.04 -10.25
N GLU A 265 -5.55 -1.50 -11.49
CA GLU A 265 -4.44 -1.28 -12.40
C GLU A 265 -4.42 0.12 -13.01
N GLU A 266 -5.49 0.89 -12.78
CA GLU A 266 -5.58 2.23 -13.38
C GLU A 266 -5.51 3.36 -12.35
N SER A 267 -5.30 3.00 -11.09
CA SER A 267 -5.28 3.97 -10.00
C SER A 267 -4.11 4.96 -10.09
N LYS A 268 -4.41 6.25 -10.03
CA LYS A 268 -3.39 7.29 -10.05
C LYS A 268 -3.69 8.35 -8.99
N TRP A 269 -2.65 8.85 -8.33
CA TRP A 269 -2.81 10.00 -7.45
C TRP A 269 -2.60 11.28 -8.27
N LEU A 270 -3.56 12.18 -8.21
CA LEU A 270 -3.53 13.40 -9.01
C LEU A 270 -3.41 14.67 -8.17
N PRO A 271 -2.32 15.42 -8.37
CA PRO A 271 -2.23 16.76 -7.76
C PRO A 271 -3.17 17.70 -8.50
N ILE A 272 -4.24 18.13 -7.84
CA ILE A 272 -5.27 18.92 -8.52
C ILE A 272 -5.34 20.35 -8.00
N LEU A 273 -4.48 20.68 -7.05
CA LEU A 273 -4.41 22.03 -6.51
C LEU A 273 -3.10 22.31 -5.80
N ASP A 274 -2.34 23.26 -6.33
CA ASP A 274 -1.18 23.79 -5.61
C ASP A 274 -1.59 25.09 -4.93
N SER A 275 -2.03 24.98 -3.68
CA SER A 275 -2.57 26.13 -2.95
C SER A 275 -1.54 27.24 -2.78
N ASN A 276 -0.27 26.86 -2.68
CA ASN A 276 0.81 27.83 -2.57
C ASN A 276 0.86 28.72 -3.81
N MET A 277 0.59 28.12 -4.97
CA MET A 277 0.58 28.85 -6.22
C MET A 277 -0.61 29.80 -6.29
N GLU A 278 -1.77 29.34 -5.83
CA GLU A 278 -2.98 30.14 -5.87
C GLU A 278 -2.85 31.37 -4.99
N ILE A 279 -2.30 31.19 -3.81
CA ILE A 279 -2.03 32.29 -2.91
C ILE A 279 -1.06 33.28 -3.57
N TRP A 280 -0.05 32.74 -4.23
CA TRP A 280 0.91 33.56 -4.98
C TRP A 280 0.20 34.37 -6.06
N LYS A 281 -0.76 33.75 -6.72
CA LYS A 281 -1.52 34.42 -7.78
C LYS A 281 -2.51 35.42 -7.20
N MET A 282 -3.09 35.10 -6.06
CA MET A 282 -4.00 36.01 -5.38
C MET A 282 -3.26 37.23 -4.86
N SER A 283 -1.98 37.05 -4.53
CA SER A 283 -1.16 38.12 -3.98
C SER A 283 -0.52 38.97 -5.06
N GLY A 284 -0.96 38.80 -6.30
CA GLY A 284 -0.43 39.55 -7.42
C GLY A 284 1.02 39.22 -7.72
N GLY A 285 1.37 37.96 -7.59
CA GLY A 285 2.71 37.49 -7.93
C GLY A 285 3.74 37.75 -6.86
N LYS A 286 3.28 38.13 -5.66
CA LYS A 286 4.18 38.42 -4.56
C LYS A 286 4.33 37.23 -3.62
N GLU A 287 5.56 36.97 -3.18
CA GLU A 287 5.83 35.92 -2.20
C GLU A 287 5.43 36.36 -0.79
N THR A 288 4.62 35.54 -0.13
CA THR A 288 4.19 35.83 1.23
C THR A 288 4.65 34.74 2.19
N THR A 289 4.68 35.05 3.47
CA THR A 289 5.03 34.08 4.51
C THR A 289 4.00 34.12 5.62
N ASP A 290 2.89 34.84 5.36
CA ASP A 290 1.88 35.06 6.39
C ASP A 290 0.48 34.59 5.98
N ILE A 291 0.33 34.04 4.78
CA ILE A 291 -0.96 33.51 4.34
C ILE A 291 -0.87 32.00 4.09
N HIS A 292 -1.74 31.24 4.72
CA HIS A 292 -1.72 29.77 4.60
C HIS A 292 -3.11 29.18 4.41
N VAL A 293 -3.16 27.95 3.90
CA VAL A 293 -4.41 27.26 3.65
C VAL A 293 -4.61 26.10 4.62
N TRP A 294 -5.79 26.02 5.22
CA TRP A 294 -6.15 24.90 6.09
C TRP A 294 -7.34 24.17 5.50
N PRO A 295 -7.13 22.93 5.05
CA PRO A 295 -8.13 22.19 4.28
C PRO A 295 -9.31 21.67 5.11
N LEU A 296 -10.53 21.88 4.61
CA LEU A 296 -11.73 21.37 5.27
C LEU A 296 -12.38 20.26 4.47
N ALA A 297 -12.63 20.51 3.19
CA ALA A 297 -13.26 19.52 2.34
C ALA A 297 -13.10 19.85 0.86
N LEU A 298 -13.46 18.91 0.00
CA LEU A 298 -13.51 19.14 -1.43
C LEU A 298 -14.92 18.92 -1.96
N ALA A 299 -15.53 19.99 -2.47
CA ALA A 299 -16.85 19.91 -3.07
C ALA A 299 -16.77 20.11 -4.58
N TYR A 300 -16.80 19.00 -5.32
CA TYR A 300 -16.71 19.01 -6.77
C TYR A 300 -15.40 19.63 -7.25
N ASP A 301 -15.35 20.96 -7.37
CA ASP A 301 -14.18 21.63 -7.92
C ASP A 301 -13.64 22.68 -6.96
N THR A 302 -14.21 22.75 -5.77
CA THR A 302 -13.86 23.80 -4.84
C THR A 302 -13.36 23.26 -3.52
N LEU A 303 -12.23 23.80 -3.06
CA LEU A 303 -11.68 23.42 -1.77
C LEU A 303 -12.21 24.35 -0.68
N ASN A 304 -13.07 23.82 0.19
N ASN A 304 -13.08 23.82 0.18
CA ASN A 304 -13.51 24.58 1.35
CA ASN A 304 -13.51 24.55 1.36
C ASN A 304 -12.36 24.61 2.35
C ASN A 304 -12.35 24.61 2.34
N CYS A 305 -11.99 25.80 2.81
CA CYS A 305 -10.83 25.93 3.67
C CYS A 305 -10.88 27.13 4.62
N ILE A 306 -9.83 27.26 5.40
CA ILE A 306 -9.63 28.43 6.25
C ILE A 306 -8.37 29.16 5.80
N LEU A 307 -8.50 30.44 5.47
CA LEU A 307 -7.32 31.24 5.13
C LEU A 307 -6.68 31.79 6.40
N VAL A 308 -5.53 31.24 6.76
CA VAL A 308 -4.85 31.63 7.99
C VAL A 308 -3.88 32.76 7.73
N LYS A 309 -4.09 33.88 8.42
CA LYS A 309 -3.18 35.01 8.33
C LYS A 309 -2.39 35.14 9.61
N GLY A 310 -1.07 35.02 9.51
CA GLY A 310 -0.20 35.07 10.67
C GLY A 310 1.10 34.32 10.45
N LYS A 311 1.92 34.23 11.49
CA LYS A 311 3.20 33.55 11.40
C LYS A 311 3.02 32.04 11.42
N HIS A 312 2.07 31.56 12.22
CA HIS A 312 1.79 30.13 12.32
C HIS A 312 0.94 29.69 11.15
N ILE A 313 1.06 28.43 10.77
CA ILE A 313 0.36 27.90 9.60
C ILE A 313 -1.01 27.32 9.92
N TRP A 314 -1.31 27.16 11.21
CA TRP A 314 -2.60 26.63 11.62
C TRP A 314 -3.52 27.73 12.13
N PRO A 315 -4.83 27.57 11.95
CA PRO A 315 -5.83 28.57 12.35
C PRO A 315 -5.86 28.83 13.86
N GLU A 316 -6.45 29.95 14.24
CA GLU A 316 -6.45 30.39 15.63
C GLU A 316 -7.84 30.79 16.10
N PHE A 317 -7.91 31.41 17.28
CA PHE A 317 -9.17 31.84 17.86
C PHE A 317 -9.30 33.36 17.80
N PRO A 318 -10.43 33.85 17.29
CA PRO A 318 -11.57 33.05 16.82
C PRO A 318 -11.33 32.51 15.41
N LEU A 319 -12.02 31.43 15.06
CA LEU A 319 -11.86 30.86 13.74
C LEU A 319 -12.52 31.77 12.71
N PRO A 320 -11.78 32.09 11.64
CA PRO A 320 -12.30 32.91 10.54
C PRO A 320 -13.44 32.23 9.81
N LEU A 321 -14.12 32.96 8.94
CA LEU A 321 -15.13 32.37 8.09
C LEU A 321 -14.45 31.54 7.01
N PRO A 322 -15.06 30.38 6.69
CA PRO A 322 -14.48 29.51 5.66
C PRO A 322 -14.38 30.23 4.32
N SER A 323 -13.31 29.94 3.59
CA SER A 323 -13.10 30.51 2.27
C SER A 323 -13.27 29.41 1.22
N GLU A 324 -13.31 29.80 -0.05
CA GLU A 324 -13.38 28.85 -1.13
C GLU A 324 -12.20 29.02 -2.07
N MET A 325 -11.60 27.92 -2.48
CA MET A 325 -10.50 27.96 -3.43
C MET A 325 -10.72 26.94 -4.53
N GLU A 326 -11.09 27.41 -5.71
CA GLU A 326 -11.30 26.52 -6.86
C GLU A 326 -10.02 25.79 -7.20
N ILE A 327 -10.12 24.50 -7.49
CA ILE A 327 -8.96 23.70 -7.83
C ILE A 327 -8.38 24.11 -9.19
N ARG A 328 -7.07 24.03 -9.30
CA ARG A 328 -6.36 24.35 -10.54
C ARG A 328 -5.24 23.35 -10.78
N MET A 329 -5.18 22.82 -12.00
CA MET A 329 -4.12 21.89 -12.37
C MET A 329 -2.77 22.60 -12.37
N PRO A 330 -1.77 22.00 -11.72
CA PRO A 330 -0.42 22.56 -11.60
C PRO A 330 0.32 22.62 -12.93
N VAL A 331 -0.09 23.54 -13.80
CA VAL A 331 0.53 23.68 -15.11
C VAL A 331 0.99 25.12 -15.34
N PHE A 332 0.84 25.96 -14.32
CA PHE A 332 1.22 27.37 -14.41
C PHE A 332 2.66 27.60 -13.99
N VAL A 333 3.36 28.46 -14.72
CA VAL A 333 4.74 28.80 -14.39
C VAL A 333 4.84 30.27 -13.97
N LYS A 334 5.47 30.52 -12.83
CA LYS A 334 5.56 31.88 -12.29
C LYS A 334 6.24 32.85 -13.26
N SER A 335 7.39 32.45 -13.79
CA SER A 335 8.14 33.28 -14.71
C SER A 335 7.29 33.71 -15.91
N LYS A 336 6.61 32.75 -16.52
CA LYS A 336 5.74 33.04 -17.67
C LYS A 336 4.54 33.90 -17.27
N LEU A 337 4.04 33.69 -16.07
CA LEU A 337 2.92 34.49 -15.57
C LEU A 337 3.33 35.95 -15.37
N LEU A 338 4.50 36.15 -14.76
CA LEU A 338 5.03 37.49 -14.53
C LEU A 338 5.21 38.25 -15.85
N GLU A 339 5.70 37.55 -16.86
CA GLU A 339 5.97 38.15 -18.17
C GLU A 339 4.71 38.74 -18.80
N GLU A 340 3.59 38.04 -18.67
CA GLU A 340 2.34 38.45 -19.31
C GLU A 340 1.67 39.62 -18.60
N ASN A 341 1.87 39.73 -17.28
CA ASN A 341 1.32 40.86 -16.54
C ASN A 341 2.01 42.17 -16.89
N LYS A 342 3.28 42.07 -17.29
CA LYS A 342 4.06 43.24 -17.68
C LYS A 342 3.64 43.76 -19.04
N GLU A 365 -4.60 41.17 -8.51
CA GLU A 365 -4.52 39.73 -8.73
C GLU A 365 -3.90 39.45 -10.10
N ILE A 366 -3.15 38.35 -10.20
CA ILE A 366 -2.45 37.99 -11.42
C ILE A 366 -3.39 37.70 -12.58
N GLN A 367 -3.14 38.34 -13.72
CA GLN A 367 -3.91 38.09 -14.93
C GLN A 367 -3.32 36.92 -15.71
N ILE A 368 -4.19 36.03 -16.19
CA ILE A 368 -3.75 34.85 -16.91
C ILE A 368 -4.09 34.95 -18.40
N PRO A 369 -3.08 34.74 -19.27
CA PRO A 369 -3.29 34.72 -20.72
C PRO A 369 -4.29 33.66 -21.16
N VAL A 370 -5.20 34.02 -22.06
CA VAL A 370 -6.30 33.15 -22.46
C VAL A 370 -5.83 31.81 -23.02
N SER A 371 -4.72 31.82 -23.74
CA SER A 371 -4.16 30.60 -24.30
C SER A 371 -3.69 29.65 -23.20
N MET A 372 -2.98 30.19 -22.22
CA MET A 372 -2.48 29.38 -21.11
C MET A 372 -3.62 28.90 -20.21
N ALA A 373 -4.63 29.75 -20.02
CA ALA A 373 -5.77 29.41 -19.18
C ALA A 373 -6.65 28.33 -19.80
N ALA A 374 -6.68 28.31 -21.13
CA ALA A 374 -7.49 27.33 -21.84
C ALA A 374 -6.91 25.93 -21.66
N GLU A 375 -5.58 25.86 -21.58
CA GLU A 375 -4.89 24.59 -21.41
C GLU A 375 -5.22 23.99 -20.04
N GLU A 376 -5.15 24.83 -19.00
CA GLU A 376 -5.46 24.39 -17.65
C GLU A 376 -6.93 23.99 -17.54
N GLU A 377 -7.79 24.79 -18.15
CA GLU A 377 -9.23 24.53 -18.11
C GLU A 377 -9.54 23.22 -18.82
N TYR A 378 -8.79 22.94 -19.89
CA TYR A 378 -8.93 21.68 -20.61
C TYR A 378 -8.58 20.50 -19.72
N LEU A 379 -7.42 20.56 -19.08
CA LEU A 379 -6.98 19.49 -18.19
C LEU A 379 -7.93 19.31 -17.01
N ARG A 380 -8.32 20.42 -16.39
CA ARG A 380 -9.18 20.37 -15.22
C ARG A 380 -10.51 19.73 -15.55
N SER A 381 -11.09 20.15 -16.68
CA SER A 381 -12.37 19.61 -17.12
C SER A 381 -12.24 18.12 -17.41
N LYS A 382 -11.15 17.75 -18.09
CA LYS A 382 -10.90 16.36 -18.45
C LYS A 382 -10.85 15.46 -17.22
N VAL A 383 -10.13 15.90 -16.19
CA VAL A 383 -9.99 15.13 -14.95
C VAL A 383 -11.32 15.02 -14.21
N LEU A 384 -11.96 16.16 -13.99
CA LEU A 384 -13.24 16.18 -13.28
C LEU A 384 -14.30 15.38 -14.02
N SER A 385 -14.32 15.50 -15.34
CA SER A 385 -15.28 14.76 -16.18
C SER A 385 -15.07 13.26 -16.04
N GLU A 386 -13.81 12.83 -16.15
CA GLU A 386 -13.46 11.42 -16.08
C GLU A 386 -13.85 10.83 -14.73
N LEU A 387 -13.60 11.60 -13.67
CA LEU A 387 -13.91 11.17 -12.30
C LEU A 387 -15.41 11.03 -12.09
N LEU A 388 -16.14 12.08 -12.46
CA LEU A 388 -17.58 12.13 -12.22
C LEU A 388 -18.30 11.06 -13.03
N THR A 389 -17.80 10.79 -14.22
CA THR A 389 -18.38 9.75 -15.07
C THR A 389 -18.22 8.38 -14.38
N ASP A 390 -17.02 8.10 -13.89
CA ASP A 390 -16.75 6.87 -13.16
C ASP A 390 -17.67 6.73 -11.95
N THR A 391 -17.96 7.86 -11.32
CA THR A 391 -18.86 7.87 -10.17
C THR A 391 -20.25 7.43 -10.59
N LEU A 392 -20.79 8.08 -11.62
CA LEU A 392 -22.13 7.80 -12.08
C LEU A 392 -22.22 6.40 -12.68
N GLU A 393 -21.13 5.95 -13.30
CA GLU A 393 -21.08 4.64 -13.93
C GLU A 393 -21.09 3.50 -12.90
N ASN A 394 -20.79 3.81 -11.64
CA ASN A 394 -20.71 2.77 -10.61
C ASN A 394 -21.61 2.98 -9.41
N ASP A 395 -21.60 4.18 -8.84
CA ASP A 395 -22.31 4.44 -7.58
C ASP A 395 -23.59 5.25 -7.77
N GLY A 396 -23.79 5.77 -8.97
CA GLY A 396 -24.96 6.58 -9.23
C GLY A 396 -24.85 7.96 -8.61
N GLU A 397 -25.99 8.55 -8.31
CA GLU A 397 -26.08 9.91 -7.81
C GLU A 397 -26.11 9.99 -6.28
N MET A 398 -25.70 11.13 -5.72
CA MET A 398 -25.77 11.36 -4.27
C MET A 398 -26.40 12.69 -3.91
N TYR A 399 -26.18 13.71 -4.73
CA TYR A 399 -26.68 15.05 -4.42
C TYR A 399 -27.84 15.51 -5.30
N GLY A 400 -27.93 14.96 -6.50
CA GLY A 400 -29.08 15.24 -7.36
C GLY A 400 -28.77 16.13 -8.54
N ASN A 401 -27.54 16.62 -8.62
CA ASN A 401 -27.15 17.49 -9.72
C ASN A 401 -25.95 16.97 -10.50
N GLU A 402 -25.54 15.73 -10.22
CA GLU A 402 -24.34 15.19 -10.84
C GLU A 402 -24.46 15.07 -12.36
N ASN A 403 -25.64 14.69 -12.84
CA ASN A 403 -25.86 14.57 -14.28
C ASN A 403 -25.75 15.93 -14.97
N GLU A 404 -26.32 16.95 -14.34
CA GLU A 404 -26.27 18.30 -14.88
C GLU A 404 -24.85 18.85 -14.83
N VAL A 405 -24.15 18.56 -13.75
CA VAL A 405 -22.76 18.99 -13.59
C VAL A 405 -21.87 18.36 -14.65
N LEU A 406 -22.01 17.04 -14.83
CA LEU A 406 -21.21 16.32 -15.81
C LEU A 406 -21.42 16.88 -17.22
N ALA A 407 -22.67 17.22 -17.53
CA ALA A 407 -23.00 17.76 -18.85
C ALA A 407 -22.31 19.10 -19.07
N ALA A 408 -22.40 19.99 -18.08
CA ALA A 408 -21.77 21.29 -18.18
C ALA A 408 -20.26 21.14 -18.19
N LEU A 409 -19.79 20.10 -17.53
CA LEU A 409 -18.38 19.81 -17.40
C LEU A 409 -17.82 19.40 -18.77
N ASN A 410 -18.55 18.53 -19.46
CA ASN A 410 -18.20 18.13 -20.81
C ASN A 410 -18.26 19.31 -21.79
N GLY A 411 -19.18 20.23 -21.53
CA GLY A 411 -19.31 21.43 -22.33
C GLY A 411 -18.09 22.33 -22.21
N ALA A 412 -17.68 22.58 -20.97
CA ALA A 412 -16.51 23.41 -20.69
C ALA A 412 -15.26 22.79 -21.29
N TYR A 413 -15.23 21.47 -21.32
CA TYR A 413 -14.12 20.71 -21.88
C TYR A 413 -13.90 21.07 -23.35
N ASP A 414 -14.94 20.91 -24.16
CA ASP A 414 -14.86 21.19 -25.58
C ASP A 414 -14.59 22.66 -25.88
N LYS A 415 -15.20 23.55 -25.09
CA LYS A 415 -15.04 24.98 -25.30
C LYS A 415 -13.58 25.39 -25.12
N ALA A 416 -12.96 24.90 -24.05
CA ALA A 416 -11.56 25.19 -23.77
C ALA A 416 -10.66 24.54 -24.80
N LEU A 417 -11.06 23.36 -25.26
CA LEU A 417 -10.28 22.62 -26.23
C LEU A 417 -10.32 23.33 -27.58
N LEU A 418 -11.46 23.96 -27.89
CA LEU A 418 -11.62 24.69 -29.14
C LEU A 418 -10.80 25.96 -29.17
N ARG A 419 -10.55 26.54 -27.99
CA ARG A 419 -9.69 27.72 -27.90
C ARG A 419 -8.26 27.35 -28.27
N LEU A 420 -7.80 26.22 -27.76
CA LEU A 420 -6.47 25.72 -28.08
C LEU A 420 -6.39 25.40 -29.57
N PHE A 421 -7.47 24.85 -30.10
CA PHE A 421 -7.56 24.53 -31.52
C PHE A 421 -7.45 25.78 -32.39
N ALA A 422 -8.06 26.86 -31.92
CA ALA A 422 -8.02 28.13 -32.63
C ALA A 422 -6.61 28.69 -32.69
N SER A 423 -5.93 28.67 -31.54
CA SER A 423 -4.55 29.14 -31.46
C SER A 423 -3.63 28.33 -32.36
N ALA A 424 -3.88 27.03 -32.45
CA ALA A 424 -3.09 26.16 -33.29
C ALA A 424 -3.29 26.50 -34.76
N CYS A 425 -4.53 26.82 -35.13
CA CYS A 425 -4.85 27.24 -36.49
C CYS A 425 -4.21 28.57 -36.80
N SER A 426 -4.19 29.45 -35.80
CA SER A 426 -3.59 30.77 -35.93
C SER A 426 -2.09 30.66 -36.22
N ASP A 427 -1.44 29.67 -35.62
CA ASP A 427 -0.01 29.46 -35.80
C ASP A 427 0.29 28.52 -36.97
N GLN A 428 -0.71 28.29 -37.82
CA GLN A 428 -0.56 27.45 -39.00
C GLN A 428 -0.11 26.03 -38.66
N ASN A 429 -0.32 25.63 -37.41
CA ASN A 429 0.08 24.30 -36.94
C ASN A 429 -1.02 23.27 -37.20
N VAL A 430 -1.09 22.78 -38.42
CA VAL A 430 -2.15 21.86 -38.83
C VAL A 430 -2.08 20.53 -38.06
N GLU A 431 -0.88 20.05 -37.80
CA GLU A 431 -0.69 18.77 -37.12
C GLU A 431 -1.19 18.81 -35.67
N LYS A 432 -0.77 19.82 -34.93
CA LYS A 432 -1.17 19.98 -33.53
C LYS A 432 -2.68 20.18 -33.42
N ALA A 433 -3.23 20.93 -34.37
CA ALA A 433 -4.65 21.21 -34.40
C ALA A 433 -5.46 19.94 -34.60
N LEU A 434 -4.98 19.06 -35.47
CA LEU A 434 -5.69 17.81 -35.74
C LEU A 434 -5.71 16.93 -34.49
N SER A 435 -4.60 16.91 -33.76
CA SER A 435 -4.50 16.12 -32.53
C SER A 435 -5.49 16.61 -31.49
N LEU A 436 -5.65 17.93 -31.41
CA LEU A 436 -6.61 18.54 -30.49
C LEU A 436 -8.04 18.20 -30.86
N ALA A 437 -8.30 18.13 -32.17
CA ALA A 437 -9.63 17.84 -32.68
C ALA A 437 -10.08 16.44 -32.28
N HIS A 438 -9.12 15.52 -32.22
CA HIS A 438 -9.41 14.14 -31.85
C HIS A 438 -9.93 14.05 -30.43
N GLU A 439 -9.47 14.97 -29.58
CA GLU A 439 -9.80 14.92 -28.17
C GLU A 439 -11.17 15.52 -27.87
N LEU A 440 -11.78 16.13 -28.88
CA LEU A 440 -13.10 16.72 -28.73
C LEU A 440 -14.16 15.66 -28.41
N LYS A 441 -15.14 16.04 -27.60
CA LYS A 441 -16.18 15.12 -27.16
C LYS A 441 -17.42 15.20 -28.04
N GLN A 442 -18.03 16.38 -28.07
CA GLN A 442 -19.28 16.59 -28.79
C GLN A 442 -19.07 16.73 -30.29
N ASP A 443 -20.00 16.17 -31.06
CA ASP A 443 -19.94 16.27 -32.52
C ASP A 443 -20.14 17.71 -32.96
N ARG A 444 -20.84 18.48 -32.14
CA ARG A 444 -21.07 19.89 -32.41
C ARG A 444 -19.77 20.68 -32.27
N ALA A 445 -18.86 20.17 -31.45
CA ALA A 445 -17.54 20.79 -31.30
C ALA A 445 -16.67 20.48 -32.52
N LEU A 446 -16.82 19.26 -33.05
CA LEU A 446 -16.14 18.89 -34.28
C LEU A 446 -16.59 19.77 -35.44
N THR A 447 -17.88 20.05 -35.49
CA THR A 447 -18.44 20.93 -36.50
C THR A 447 -17.87 22.34 -36.35
N ALA A 448 -17.82 22.82 -35.11
CA ALA A 448 -17.26 24.13 -34.80
C ALA A 448 -15.80 24.21 -35.23
N ALA A 449 -15.08 23.10 -35.06
CA ALA A 449 -13.67 23.03 -35.42
C ALA A 449 -13.50 23.18 -36.92
N VAL A 450 -14.40 22.57 -37.68
CA VAL A 450 -14.35 22.65 -39.14
C VAL A 450 -14.50 24.09 -39.60
N LYS A 451 -15.49 24.79 -39.05
CA LYS A 451 -15.76 26.18 -39.40
C LYS A 451 -14.59 27.10 -39.03
N ILE A 452 -13.94 26.80 -37.91
CA ILE A 452 -12.76 27.55 -37.48
C ILE A 452 -11.63 27.33 -38.46
N SER A 453 -11.50 26.09 -38.93
CA SER A 453 -10.48 25.71 -39.91
C SER A 453 -10.74 26.42 -41.24
N GLU A 454 -12.01 26.57 -41.59
CA GLU A 454 -12.42 27.27 -42.81
C GLU A 454 -12.03 28.74 -42.75
N ARG A 455 -12.30 29.39 -41.62
CA ARG A 455 -11.93 30.79 -41.44
C ARG A 455 -10.41 30.97 -41.46
N ALA A 456 -9.69 29.92 -41.10
CA ALA A 456 -8.23 29.95 -41.10
C ALA A 456 -7.67 29.55 -42.46
N GLU A 457 -8.58 29.18 -43.37
CA GLU A 457 -8.22 28.77 -44.73
C GLU A 457 -7.24 27.60 -44.71
N LEU A 458 -7.65 26.52 -44.05
CA LEU A 458 -6.83 25.31 -43.97
C LEU A 458 -7.63 24.12 -44.49
N PRO A 459 -7.76 24.02 -45.82
CA PRO A 459 -8.58 22.98 -46.48
C PRO A 459 -8.10 21.57 -46.19
N SER A 460 -6.79 21.40 -46.04
CA SER A 460 -6.21 20.09 -45.75
C SER A 460 -6.64 19.61 -44.37
N LEU A 461 -6.73 20.56 -43.43
CA LEU A 461 -7.18 20.27 -42.07
C LEU A 461 -8.67 19.90 -42.05
N VAL A 462 -9.47 20.68 -42.77
CA VAL A 462 -10.92 20.48 -42.83
C VAL A 462 -11.29 19.07 -43.26
N LYS A 463 -10.64 18.57 -44.30
CA LYS A 463 -10.94 17.23 -44.80
C LYS A 463 -10.64 16.16 -43.76
N LYS A 464 -9.53 16.32 -43.04
CA LYS A 464 -9.10 15.33 -42.06
C LYS A 464 -9.99 15.33 -40.81
N ILE A 465 -10.52 16.50 -40.45
CA ILE A 465 -11.47 16.58 -39.35
C ILE A 465 -12.80 15.97 -39.79
N ASN A 466 -13.17 16.19 -41.05
CA ASN A 466 -14.37 15.58 -41.61
C ASN A 466 -14.24 14.06 -41.66
N ASN A 467 -13.00 13.58 -41.81
CA ASN A 467 -12.74 12.15 -41.76
C ASN A 467 -13.04 11.60 -40.37
N ILE A 468 -12.75 12.39 -39.36
CA ILE A 468 -13.05 12.03 -37.98
C ILE A 468 -14.56 11.92 -37.77
N ARG A 469 -15.29 12.94 -38.23
CA ARG A 469 -16.74 12.98 -38.12
C ARG A 469 -17.40 11.80 -38.82
N GLU A 470 -16.90 11.48 -40.01
CA GLU A 470 -17.42 10.37 -40.80
C GLU A 470 -17.15 9.05 -40.08
N ALA A 471 -15.97 8.94 -39.48
CA ALA A 471 -15.58 7.73 -38.77
C ALA A 471 -16.50 7.48 -37.57
N ARG A 472 -16.81 8.55 -36.84
CA ARG A 472 -17.70 8.45 -35.67
C ARG A 472 -19.14 8.20 -36.11
N TYR A 473 -19.51 8.73 -37.27
CA TYR A 473 -20.83 8.47 -37.84
C TYR A 473 -20.97 7.02 -38.24
N GLU A 474 -19.86 6.41 -38.64
CA GLU A 474 -19.84 5.01 -39.06
C GLU A 474 -19.93 4.09 -37.85
N GLN A 475 -19.38 4.53 -36.73
CA GLN A 475 -19.49 3.80 -35.47
C GLN A 475 -20.95 3.84 -35.01
N GLN A 476 -21.64 4.88 -35.41
CA GLN A 476 -23.06 5.07 -35.09
C GLN A 476 -23.93 4.08 -35.88
N LEU A 477 -23.37 3.57 -36.98
CA LEU A 477 -24.07 2.66 -37.87
C LEU A 477 -24.00 1.22 -37.36
N LYS A 478 -23.03 0.97 -36.48
CA LYS A 478 -22.84 -0.36 -35.91
C LYS A 478 -23.76 -0.58 -34.70
N PHE B 25 20.51 -8.64 6.63
CA PHE B 25 19.80 -9.48 7.59
C PHE B 25 20.21 -10.95 7.48
N ARG B 26 20.23 -11.63 8.62
CA ARG B 26 20.65 -13.04 8.68
C ARG B 26 19.47 -13.96 8.91
N TYR B 27 19.21 -14.85 7.95
CA TYR B 27 18.13 -15.81 8.05
C TYR B 27 18.51 -16.98 8.95
N MET B 28 17.62 -17.34 9.86
CA MET B 28 17.89 -18.43 10.81
C MET B 28 16.96 -19.60 10.54
N PRO B 29 17.43 -20.84 10.78
CA PRO B 29 16.61 -22.04 10.57
C PRO B 29 15.36 -22.07 11.45
N PHE B 30 14.19 -22.06 10.81
CA PHE B 30 12.92 -22.01 11.54
C PHE B 30 12.16 -23.33 11.56
N SER B 31 11.50 -23.60 12.68
CA SER B 31 10.60 -24.73 12.81
C SER B 31 9.48 -24.37 13.77
N PRO B 32 8.26 -24.85 13.50
CA PRO B 32 7.10 -24.53 14.34
C PRO B 32 7.32 -24.88 15.81
N ALA B 33 7.20 -23.87 16.67
CA ALA B 33 7.32 -24.02 18.12
C ALA B 33 8.69 -24.55 18.54
N GLY B 34 9.68 -24.34 17.70
CA GLY B 34 11.05 -24.71 18.04
C GLY B 34 11.60 -23.85 19.16
N THR B 35 12.45 -24.44 19.99
CA THR B 35 13.08 -23.73 21.09
C THR B 35 14.59 -23.74 20.88
N PRO B 36 15.30 -22.76 21.45
CA PRO B 36 16.76 -22.73 21.34
C PRO B 36 17.45 -23.53 22.43
N PHE B 37 18.72 -23.84 22.23
CA PHE B 37 19.51 -24.48 23.26
C PHE B 37 19.63 -23.56 24.47
N GLY B 38 19.94 -22.30 24.19
CA GLY B 38 20.15 -21.33 25.25
C GLY B 38 21.40 -21.68 26.02
N PHE B 39 21.25 -21.81 27.34
CA PHE B 39 22.37 -22.18 28.19
C PHE B 39 22.36 -23.66 28.56
N THR B 40 21.61 -24.45 27.81
CA THR B 40 21.54 -25.90 28.03
C THR B 40 22.12 -26.65 26.83
N ASP B 41 22.11 -27.98 26.91
CA ASP B 41 22.63 -28.80 25.82
C ASP B 41 21.52 -29.52 25.07
N ARG B 42 20.28 -29.09 25.28
CA ARG B 42 19.14 -29.71 24.61
C ARG B 42 18.06 -28.68 24.30
N ARG B 43 17.26 -28.98 23.29
CA ARG B 43 16.18 -28.10 22.86
C ARG B 43 15.16 -28.89 22.06
N TYR B 44 14.05 -28.26 21.73
CA TYR B 44 13.05 -28.87 20.88
C TYR B 44 13.20 -28.38 19.44
N LEU B 45 13.25 -29.32 18.50
CA LEU B 45 13.32 -28.98 17.08
C LEU B 45 12.00 -28.40 16.60
N THR B 46 10.91 -29.14 16.83
CA THR B 46 9.58 -28.67 16.46
C THR B 46 8.55 -29.23 17.45
N MET B 47 7.31 -28.76 17.35
CA MET B 47 6.31 -29.06 18.36
C MET B 47 4.91 -28.72 17.86
N ASN B 48 3.98 -29.67 17.95
CA ASN B 48 2.58 -29.40 17.58
C ASN B 48 1.58 -30.30 18.30
N GLU B 49 0.38 -30.43 17.73
CA GLU B 49 -0.69 -31.19 18.37
C GLU B 49 -0.38 -32.69 18.33
N VAL B 50 0.49 -33.10 17.41
CA VAL B 50 0.85 -34.50 17.24
C VAL B 50 1.83 -34.95 18.31
N GLY B 51 2.86 -34.14 18.54
CA GLY B 51 3.88 -34.47 19.51
C GLY B 51 5.01 -33.45 19.55
N TYR B 52 6.20 -33.91 19.92
CA TYR B 52 7.36 -33.03 20.00
C TYR B 52 8.66 -33.74 19.64
N VAL B 53 9.57 -33.01 19.01
CA VAL B 53 10.87 -33.55 18.63
C VAL B 53 11.99 -32.78 19.33
N SER B 54 12.80 -33.50 20.09
CA SER B 54 13.90 -32.89 20.84
C SER B 54 15.24 -33.41 20.37
N THR B 55 16.29 -32.64 20.65
CA THR B 55 17.65 -33.06 20.31
C THR B 55 18.61 -32.71 21.45
N VAL B 56 19.47 -33.66 21.80
CA VAL B 56 20.47 -33.45 22.84
C VAL B 56 21.87 -33.59 22.26
N LYS B 57 22.78 -32.72 22.67
CA LYS B 57 24.16 -32.78 22.21
C LYS B 57 24.87 -33.98 22.81
N ASN B 58 25.29 -34.91 21.95
CA ASN B 58 25.98 -36.11 22.37
C ASN B 58 27.45 -36.08 21.96
N SER B 59 28.25 -35.37 22.75
CA SER B 59 29.67 -35.15 22.44
C SER B 59 29.84 -34.49 21.08
N GLU B 60 30.09 -35.29 20.05
CA GLU B 60 30.30 -34.76 18.71
C GLU B 60 29.09 -34.95 17.81
N GLN B 61 28.15 -35.80 18.24
CA GLN B 61 26.93 -36.03 17.48
C GLN B 61 25.72 -35.49 18.27
N TYR B 62 24.52 -35.94 17.88
CA TYR B 62 23.29 -35.50 18.54
C TYR B 62 22.33 -36.67 18.75
N SER B 63 21.52 -36.58 19.81
CA SER B 63 20.50 -37.58 20.08
C SER B 63 19.09 -37.01 19.89
N ILE B 64 18.47 -37.37 18.77
CA ILE B 64 17.14 -36.88 18.43
C ILE B 64 16.04 -37.82 18.95
N THR B 65 15.05 -37.25 19.64
CA THR B 65 13.96 -38.02 20.20
C THR B 65 12.61 -37.56 19.68
N VAL B 66 11.84 -38.50 19.11
CA VAL B 66 10.51 -38.18 18.59
C VAL B 66 9.41 -38.75 19.49
N SER B 67 8.65 -37.85 20.12
CA SER B 67 7.63 -38.24 21.08
C SER B 67 6.23 -37.85 20.63
N PHE B 68 5.23 -38.53 21.15
CA PHE B 68 3.84 -38.29 20.76
C PHE B 68 2.95 -38.08 21.98
N PHE B 69 1.83 -37.38 21.79
CA PHE B 69 0.90 -37.13 22.88
C PHE B 69 -0.14 -38.23 22.97
N ASP B 70 -0.52 -38.79 21.83
CA ASP B 70 -1.36 -39.98 21.81
C ASP B 70 -0.46 -41.20 21.88
N VAL B 71 -0.13 -41.60 23.11
CA VAL B 71 0.79 -42.70 23.34
C VAL B 71 0.23 -44.00 22.76
N GLY B 72 -1.09 -44.09 22.68
CA GLY B 72 -1.75 -45.25 22.12
C GLY B 72 -1.46 -45.43 20.64
N ARG B 73 -1.56 -44.35 19.88
CA ARG B 73 -1.34 -44.41 18.43
C ARG B 73 0.11 -44.70 18.07
N PHE B 74 1.02 -43.83 18.50
CA PHE B 74 2.41 -43.94 18.06
C PHE B 74 3.38 -44.32 19.17
N ARG B 75 4.52 -44.89 18.80
CA ARG B 75 5.53 -45.30 19.76
C ARG B 75 6.74 -44.39 19.69
N GLU B 76 7.09 -43.79 20.83
CA GLU B 76 8.24 -42.91 20.93
C GLU B 76 9.53 -43.62 20.53
N TYR B 77 10.36 -42.96 19.74
CA TYR B 77 11.64 -43.54 19.35
C TYR B 77 12.74 -42.48 19.31
N HIS B 78 13.97 -42.93 19.14
CA HIS B 78 15.12 -42.02 19.08
C HIS B 78 16.24 -42.57 18.19
N PHE B 79 17.08 -41.69 17.69
CA PHE B 79 18.20 -42.10 16.85
C PHE B 79 19.34 -41.10 16.96
N GLU B 80 20.51 -41.47 16.45
CA GLU B 80 21.70 -40.63 16.56
C GLU B 80 21.92 -39.81 15.31
N ASP B 81 22.07 -38.50 15.50
CA ASP B 81 22.21 -37.56 14.40
C ASP B 81 23.68 -37.21 14.16
N LEU B 82 24.22 -37.74 13.07
CA LEU B 82 25.61 -37.49 12.71
C LEU B 82 25.72 -36.31 11.76
N PHE B 83 24.61 -35.60 11.59
CA PHE B 83 24.56 -34.52 10.61
C PHE B 83 24.34 -33.16 11.27
N GLY B 84 23.56 -33.15 12.35
CA GLY B 84 23.31 -31.93 13.09
C GLY B 84 22.07 -31.22 12.58
N TYR B 85 20.97 -31.96 12.48
CA TYR B 85 19.70 -31.41 12.02
C TYR B 85 19.24 -30.26 12.91
N ASP B 86 18.97 -29.12 12.30
CA ASP B 86 18.48 -27.96 13.04
C ASP B 86 17.10 -27.54 12.53
N LEU B 87 16.58 -28.31 11.57
CA LEU B 87 15.26 -28.08 10.98
C LEU B 87 14.39 -29.31 11.11
N CYS B 88 13.11 -29.10 11.45
CA CYS B 88 12.21 -30.22 11.62
C CYS B 88 10.74 -29.85 11.40
N PHE B 89 9.94 -30.83 11.00
CA PHE B 89 8.49 -30.66 10.89
C PHE B 89 7.79 -31.99 11.14
N LEU B 90 6.72 -31.97 11.92
CA LEU B 90 6.04 -33.19 12.32
C LEU B 90 4.58 -33.24 11.85
N ASN B 91 4.20 -34.36 11.26
CA ASN B 91 2.79 -34.59 10.93
C ASN B 91 2.38 -35.96 11.44
N GLU B 92 1.17 -36.38 11.11
CA GLU B 92 0.60 -37.61 11.65
C GLU B 92 1.16 -38.88 11.02
N LYS B 93 1.90 -38.75 9.92
CA LYS B 93 2.38 -39.93 9.19
C LYS B 93 3.89 -40.07 9.16
N GLY B 94 4.60 -38.99 9.49
CA GLY B 94 6.05 -39.03 9.45
C GLY B 94 6.71 -37.78 10.02
N THR B 95 8.03 -37.77 10.02
CA THR B 95 8.79 -36.64 10.53
C THR B 95 9.84 -36.22 9.50
N LEU B 96 9.99 -34.92 9.31
CA LEU B 96 10.96 -34.40 8.37
C LEU B 96 12.09 -33.71 9.13
N PHE B 97 13.32 -33.97 8.70
CA PHE B 97 14.49 -33.34 9.31
C PHE B 97 15.29 -32.60 8.25
N GLY B 98 15.98 -31.54 8.66
CA GLY B 98 16.74 -30.74 7.73
C GLY B 98 17.99 -30.13 8.32
N GLN B 99 19.03 -30.03 7.49
CA GLN B 99 20.27 -29.38 7.87
C GLN B 99 20.42 -28.09 7.07
N SER B 100 20.38 -26.96 7.77
CA SER B 100 20.32 -25.66 7.13
C SER B 100 21.56 -25.33 6.30
N LYS B 101 22.68 -25.95 6.65
CA LYS B 101 23.96 -25.60 6.04
C LYS B 101 24.35 -26.54 4.90
N THR B 102 24.26 -27.84 5.12
CA THR B 102 24.64 -28.81 4.09
C THR B 102 23.51 -29.01 3.07
N GLY B 103 22.28 -28.78 3.50
CA GLY B 103 21.13 -28.90 2.63
C GLY B 103 20.62 -30.33 2.55
N GLN B 104 20.96 -31.13 3.56
CA GLN B 104 20.53 -32.52 3.60
C GLN B 104 19.23 -32.65 4.38
N ILE B 105 18.23 -33.22 3.73
CA ILE B 105 16.95 -33.47 4.39
C ILE B 105 16.69 -34.96 4.47
N GLN B 106 15.90 -35.37 5.46
CA GLN B 106 15.51 -36.77 5.60
C GLN B 106 14.06 -36.86 6.07
N TYR B 107 13.27 -37.66 5.37
CA TYR B 107 11.90 -37.88 5.78
C TYR B 107 11.73 -39.29 6.34
N ARG B 108 11.27 -39.36 7.58
CA ARG B 108 11.09 -40.63 8.27
C ARG B 108 9.62 -40.89 8.58
N PRO B 109 8.97 -41.73 7.77
CA PRO B 109 7.60 -42.14 8.08
C PRO B 109 7.53 -42.83 9.44
N HIS B 110 6.42 -42.64 10.16
CA HIS B 110 6.27 -43.26 11.48
C HIS B 110 6.14 -44.76 11.31
N ASP B 111 5.34 -45.15 10.33
CA ASP B 111 5.07 -46.55 10.04
C ASP B 111 6.21 -47.19 9.24
N SER B 112 6.26 -48.51 9.26
CA SER B 112 7.33 -49.26 8.60
C SER B 112 7.02 -49.55 7.13
N ILE B 113 5.82 -49.19 6.67
CA ILE B 113 5.42 -49.47 5.29
C ILE B 113 6.35 -48.83 4.28
N HIS B 114 6.57 -47.53 4.42
CA HIS B 114 7.46 -46.80 3.54
C HIS B 114 8.81 -46.56 4.20
N SER B 115 9.86 -46.72 3.41
CA SER B 115 11.21 -46.57 3.92
C SER B 115 11.52 -45.09 4.10
N ASN B 116 12.47 -44.78 4.97
CA ASN B 116 12.97 -43.42 5.07
C ASN B 116 13.68 -43.09 3.78
N TRP B 117 13.70 -41.81 3.41
CA TRP B 117 14.49 -41.39 2.27
C TRP B 117 15.21 -40.09 2.57
N THR B 118 16.31 -39.88 1.84
CA THR B 118 17.19 -38.74 2.06
C THR B 118 17.51 -38.08 0.74
N LYS B 119 17.50 -36.76 0.71
CA LYS B 119 17.94 -36.00 -0.46
C LYS B 119 18.91 -34.90 -0.01
N ILE B 120 19.66 -34.35 -0.97
CA ILE B 120 20.49 -33.19 -0.68
C ILE B 120 20.06 -32.01 -1.53
N ILE B 121 19.62 -30.95 -0.87
CA ILE B 121 19.14 -29.75 -1.55
C ILE B 121 20.31 -28.90 -2.00
N PRO B 122 20.34 -28.57 -3.31
CA PRO B 122 21.36 -27.68 -3.86
C PRO B 122 21.34 -26.31 -3.20
N LEU B 123 22.49 -25.88 -2.68
CA LEU B 123 22.58 -24.57 -2.05
C LEU B 123 23.75 -23.79 -2.65
N GLN B 124 23.47 -22.57 -3.09
CA GLN B 124 24.50 -21.70 -3.64
C GLN B 124 25.36 -21.16 -2.51
N ALA B 125 26.29 -20.27 -2.85
CA ALA B 125 27.19 -19.68 -1.86
C ALA B 125 26.39 -18.84 -0.85
N GLY B 126 26.41 -19.27 0.40
CA GLY B 126 25.74 -18.55 1.46
C GLY B 126 24.27 -18.84 1.57
N GLU B 127 23.75 -19.69 0.68
CA GLU B 127 22.34 -20.08 0.72
C GLU B 127 22.10 -21.13 1.81
N ARG B 128 21.07 -20.91 2.61
CA ARG B 128 20.72 -21.81 3.70
C ARG B 128 19.26 -22.25 3.57
N ILE B 129 18.96 -23.47 4.02
CA ILE B 129 17.56 -23.86 4.16
C ILE B 129 17.03 -23.17 5.40
N THR B 130 15.92 -22.47 5.25
CA THR B 130 15.38 -21.65 6.33
C THR B 130 14.18 -22.31 7.01
N SER B 131 13.50 -23.18 6.28
CA SER B 131 12.28 -23.80 6.79
C SER B 131 11.94 -25.04 6.00
N VAL B 132 11.43 -26.05 6.70
CA VAL B 132 10.95 -27.26 6.05
C VAL B 132 9.55 -27.59 6.57
N ALA B 133 8.76 -28.28 5.77
CA ALA B 133 7.43 -28.69 6.19
C ALA B 133 7.02 -29.96 5.45
N ALA B 134 6.11 -30.71 6.06
CA ALA B 134 5.68 -31.97 5.46
C ALA B 134 4.26 -32.33 5.86
N THR B 135 3.51 -32.84 4.88
CA THR B 135 2.21 -33.43 5.14
C THR B 135 2.32 -34.90 4.74
N PRO B 136 1.30 -35.71 5.04
CA PRO B 136 1.35 -37.10 4.57
C PRO B 136 1.49 -37.24 3.05
N VAL B 137 1.25 -36.17 2.29
CA VAL B 137 1.30 -36.26 0.84
C VAL B 137 2.26 -35.26 0.17
N ARG B 138 2.76 -34.29 0.92
CA ARG B 138 3.65 -33.28 0.35
C ARG B 138 4.84 -32.96 1.27
N VAL B 139 5.99 -32.70 0.65
CA VAL B 139 7.18 -32.27 1.37
C VAL B 139 7.72 -30.96 0.78
N ILE B 140 7.95 -29.97 1.62
CA ILE B 140 8.35 -28.63 1.15
C ILE B 140 9.65 -28.16 1.79
N VAL B 141 10.52 -27.58 0.98
CA VAL B 141 11.77 -27.00 1.47
C VAL B 141 11.92 -25.57 0.96
N GLY B 142 12.17 -24.64 1.89
CA GLY B 142 12.36 -23.25 1.54
C GLY B 142 13.73 -22.75 1.94
N THR B 143 14.32 -21.89 1.10
CA THR B 143 15.67 -21.40 1.33
C THR B 143 15.73 -19.90 1.56
N SER B 144 16.93 -19.42 1.88
CA SER B 144 17.14 -18.01 2.18
C SER B 144 17.15 -17.16 0.91
N LEU B 145 17.31 -17.80 -0.24
CA LEU B 145 17.26 -17.10 -1.52
C LEU B 145 15.85 -17.12 -2.11
N GLY B 146 14.95 -17.85 -1.47
CA GLY B 146 13.57 -17.91 -1.91
C GLY B 146 13.29 -19.07 -2.84
N TYR B 147 14.06 -20.15 -2.72
CA TYR B 147 13.81 -21.33 -3.52
C TYR B 147 12.78 -22.21 -2.84
N PHE B 148 11.74 -22.55 -3.59
CA PHE B 148 10.62 -23.34 -3.09
C PHE B 148 10.64 -24.71 -3.74
N ARG B 149 11.23 -25.68 -3.05
CA ARG B 149 11.33 -27.02 -3.59
C ARG B 149 10.32 -27.94 -2.91
N SER B 150 9.51 -28.61 -3.73
CA SER B 150 8.46 -29.48 -3.21
C SER B 150 8.55 -30.90 -3.77
N PHE B 151 8.11 -31.87 -2.97
CA PHE B 151 8.17 -33.28 -3.36
C PHE B 151 6.90 -34.00 -2.91
N ASN B 152 6.70 -35.22 -3.39
CA ASN B 152 5.63 -36.06 -2.86
C ASN B 152 6.16 -36.85 -1.66
N GLN B 153 5.34 -37.77 -1.15
CA GLN B 153 5.71 -38.48 0.07
C GLN B 153 6.86 -39.47 -0.17
N PHE B 154 7.22 -39.67 -1.43
CA PHE B 154 8.27 -40.62 -1.79
C PHE B 154 9.53 -39.91 -2.27
N GLY B 155 9.47 -38.59 -2.38
CA GLY B 155 10.65 -37.82 -2.75
C GLY B 155 10.71 -37.46 -4.21
N VAL B 156 9.61 -37.65 -4.92
CA VAL B 156 9.54 -37.28 -6.33
C VAL B 156 9.37 -35.77 -6.46
N PRO B 157 10.35 -35.11 -7.09
CA PRO B 157 10.39 -33.65 -7.18
C PRO B 157 9.32 -33.03 -8.06
N PHE B 158 8.85 -31.86 -7.64
CA PHE B 158 7.92 -31.07 -8.42
C PHE B 158 8.74 -30.00 -9.14
N ALA B 159 8.07 -29.07 -9.80
CA ALA B 159 8.75 -27.94 -10.39
C ALA B 159 9.40 -27.10 -9.29
N VAL B 160 10.57 -26.55 -9.57
CA VAL B 160 11.27 -25.70 -8.62
C VAL B 160 10.86 -24.24 -8.84
N GLU B 161 10.45 -23.58 -7.75
CA GLU B 161 9.98 -22.20 -7.87
C GLU B 161 10.91 -21.22 -7.18
N LYS B 162 11.01 -20.02 -7.74
CA LYS B 162 11.81 -18.94 -7.18
C LYS B 162 10.88 -17.86 -6.62
N THR B 163 10.91 -17.66 -5.31
CA THR B 163 10.07 -16.66 -4.67
C THR B 163 10.89 -15.72 -3.80
N SER B 164 10.21 -14.95 -2.96
CA SER B 164 10.91 -14.14 -1.97
C SER B 164 11.54 -15.05 -0.93
N PRO B 165 12.64 -14.60 -0.31
CA PRO B 165 13.26 -15.37 0.77
C PRO B 165 12.23 -15.85 1.79
N ILE B 166 12.26 -17.15 2.06
CA ILE B 166 11.30 -17.79 2.94
C ILE B 166 11.82 -17.83 4.36
N VAL B 167 10.97 -17.47 5.32
CA VAL B 167 11.38 -17.48 6.72
C VAL B 167 10.64 -18.54 7.53
N ALA B 168 9.43 -18.89 7.08
CA ALA B 168 8.64 -19.89 7.78
C ALA B 168 7.68 -20.61 6.84
N LEU B 169 7.53 -21.92 7.06
CA LEU B 169 6.66 -22.76 6.25
C LEU B 169 5.78 -23.62 7.14
N THR B 170 4.54 -23.81 6.71
CA THR B 170 3.70 -24.82 7.30
C THR B 170 2.78 -25.33 6.20
N ALA B 171 2.28 -26.55 6.37
CA ALA B 171 1.45 -27.13 5.33
C ALA B 171 0.41 -28.06 5.93
N GLN B 172 -0.64 -28.32 5.15
CA GLN B 172 -1.72 -29.19 5.57
C GLN B 172 -2.29 -29.82 4.30
N ASN B 173 -2.29 -31.15 4.26
CA ASN B 173 -2.71 -31.88 3.08
C ASN B 173 -1.96 -31.42 1.84
N TYR B 174 -2.62 -30.68 0.96
CA TYR B 174 -1.97 -30.25 -0.27
C TYR B 174 -1.72 -28.74 -0.29
N ARG B 175 -2.07 -28.06 0.80
CA ARG B 175 -1.98 -26.62 0.85
C ARG B 175 -0.80 -26.14 1.69
N VAL B 176 -0.23 -25.01 1.30
CA VAL B 176 0.96 -24.46 1.96
C VAL B 176 0.75 -23.01 2.35
N PHE B 177 1.13 -22.69 3.59
CA PHE B 177 1.15 -21.33 4.11
C PHE B 177 2.61 -20.92 4.32
N SER B 178 3.10 -19.98 3.53
CA SER B 178 4.51 -19.59 3.58
C SER B 178 4.69 -18.13 3.96
N VAL B 179 5.75 -17.86 4.75
CA VAL B 179 6.05 -16.51 5.17
C VAL B 179 7.38 -16.04 4.57
N HIS B 180 7.36 -14.88 3.93
CA HIS B 180 8.53 -14.36 3.23
C HIS B 180 9.02 -13.04 3.81
N TYR B 181 10.31 -12.73 3.62
CA TYR B 181 10.87 -11.48 4.12
C TYR B 181 11.92 -10.90 3.17
N SER B 182 11.94 -9.57 3.09
CA SER B 182 12.90 -8.87 2.26
C SER B 182 13.21 -7.52 2.90
N GLN B 183 14.02 -6.71 2.23
CA GLN B 183 14.32 -5.36 2.70
C GLN B 183 13.30 -4.38 2.13
N PHE B 184 12.57 -4.84 1.11
CA PHE B 184 11.64 -3.99 0.38
C PHE B 184 10.24 -4.08 0.96
N HIS B 185 9.56 -5.19 0.70
CA HIS B 185 8.18 -5.40 1.14
C HIS B 185 8.09 -5.64 2.65
N GLY B 186 9.21 -6.02 3.24
CA GLY B 186 9.23 -6.44 4.64
C GLY B 186 8.69 -7.85 4.80
N LEU B 187 7.69 -8.00 5.65
CA LEU B 187 7.11 -9.31 5.89
C LEU B 187 5.85 -9.54 5.05
N SER B 188 5.79 -10.68 4.38
CA SER B 188 4.62 -11.06 3.59
C SER B 188 4.31 -12.54 3.73
N TYR B 189 3.15 -12.95 3.22
CA TYR B 189 2.74 -14.35 3.29
C TYR B 189 2.18 -14.79 1.96
N SER B 190 2.31 -16.08 1.65
CA SER B 190 1.68 -16.65 0.47
C SER B 190 0.83 -17.85 0.85
N LEU B 191 -0.27 -18.03 0.14
CA LEU B 191 -1.17 -19.15 0.40
C LEU B 191 -1.36 -19.93 -0.89
N SER B 192 -0.98 -21.20 -0.89
CA SER B 192 -0.98 -21.99 -2.12
C SER B 192 -1.42 -23.43 -1.97
N GLU B 193 -1.66 -24.07 -3.11
CA GLU B 193 -1.99 -25.49 -3.19
C GLU B 193 -1.07 -26.20 -4.17
N LEU B 194 -0.51 -27.32 -3.74
CA LEU B 194 0.40 -28.12 -4.54
C LEU B 194 -0.33 -29.24 -5.28
N GLY B 195 -0.96 -28.89 -6.40
CA GLY B 195 -1.72 -29.84 -7.20
C GLY B 195 -0.90 -30.98 -7.78
N THR B 196 -1.51 -31.80 -8.64
CA THR B 196 -0.83 -32.96 -9.18
C THR B 196 0.24 -32.57 -10.20
N SER B 197 -0.04 -31.49 -10.91
CA SER B 197 0.85 -30.99 -11.96
C SER B 197 1.72 -29.87 -11.43
N SER B 198 1.08 -28.79 -11.00
CA SER B 198 1.79 -27.58 -10.59
C SER B 198 1.18 -26.86 -9.40
N LYS B 199 1.89 -25.84 -8.94
CA LYS B 199 1.50 -25.03 -7.79
C LYS B 199 0.54 -23.89 -8.15
N ARG B 200 -0.54 -23.77 -7.40
CA ARG B 200 -1.55 -22.73 -7.63
C ARG B 200 -1.67 -21.83 -6.40
N TYR B 201 -1.75 -20.53 -6.61
CA TYR B 201 -1.81 -19.57 -5.51
C TYR B 201 -3.21 -19.08 -5.15
N TYR B 202 -3.55 -19.16 -3.87
CA TYR B 202 -4.75 -18.50 -3.37
C TYR B 202 -4.42 -17.04 -3.07
N LYS B 203 -3.25 -16.84 -2.48
CA LYS B 203 -2.73 -15.53 -2.12
C LYS B 203 -1.23 -15.49 -2.40
N ARG B 204 -0.75 -14.44 -3.05
CA ARG B 204 0.68 -14.38 -3.37
C ARG B 204 1.37 -13.14 -2.80
N GLU B 205 2.15 -13.35 -1.75
CA GLU B 205 2.96 -12.31 -1.11
C GLU B 205 2.17 -11.03 -0.76
N CYS B 206 1.04 -11.22 -0.10
CA CYS B 206 0.27 -10.11 0.47
C CYS B 206 0.86 -9.74 1.84
N PRO B 207 0.55 -8.53 2.34
CA PRO B 207 1.11 -8.07 3.62
C PRO B 207 0.78 -8.97 4.81
N LEU B 208 1.77 -9.24 5.66
CA LEU B 208 1.58 -10.01 6.89
C LEU B 208 1.72 -9.13 8.12
N PRO B 209 0.58 -8.68 8.67
CA PRO B 209 0.50 -7.69 9.74
C PRO B 209 0.84 -8.23 11.12
N MET B 210 1.85 -9.09 11.20
CA MET B 210 2.29 -9.61 12.49
C MET B 210 3.29 -8.65 13.10
N SER B 211 3.09 -8.32 14.37
CA SER B 211 4.00 -7.42 15.08
C SER B 211 5.37 -8.09 15.26
N LEU B 212 6.41 -7.34 14.93
CA LEU B 212 7.79 -7.79 15.11
C LEU B 212 8.26 -7.55 16.55
N PRO B 213 9.28 -8.29 16.99
CA PRO B 213 9.81 -8.13 18.35
C PRO B 213 10.43 -6.74 18.57
N ASN B 214 10.17 -6.16 19.74
CA ASN B 214 10.78 -4.88 20.11
C ASN B 214 11.83 -5.08 21.20
N ILE B 215 13.10 -4.93 20.83
CA ILE B 215 14.21 -5.22 21.73
C ILE B 215 14.90 -3.95 22.23
N ASN B 216 15.15 -3.90 23.54
CA ASN B 216 15.77 -2.74 24.18
C ASN B 216 17.27 -2.90 24.38
N SER B 217 17.84 -2.08 25.25
CA SER B 217 19.25 -2.18 25.60
C SER B 217 19.44 -3.01 26.87
N ASP B 218 18.39 -3.08 27.69
CA ASP B 218 18.40 -3.90 28.89
C ASP B 218 18.17 -5.36 28.52
N MET B 219 17.69 -5.57 27.30
CA MET B 219 17.40 -6.91 26.80
C MET B 219 18.69 -7.66 26.43
N LYS B 220 19.80 -6.92 26.36
CA LYS B 220 21.09 -7.53 26.04
C LYS B 220 21.61 -8.36 27.22
N LYS B 221 21.00 -8.16 28.38
CA LYS B 221 21.33 -8.95 29.57
C LYS B 221 20.10 -9.73 30.06
N ASP B 222 19.00 -9.58 29.32
CA ASP B 222 17.78 -10.34 29.57
C ASP B 222 17.99 -11.84 29.38
N ALA B 223 17.19 -12.65 30.08
CA ALA B 223 17.32 -14.09 30.01
C ALA B 223 16.70 -14.65 28.73
N ASN B 224 15.79 -13.89 28.13
CA ASN B 224 15.08 -14.32 26.94
C ASN B 224 15.67 -13.81 25.62
N LEU B 225 16.81 -13.14 25.70
CA LEU B 225 17.46 -12.60 24.50
C LEU B 225 17.85 -13.71 23.53
N ASP B 226 18.21 -14.86 24.09
CA ASP B 226 18.65 -16.01 23.32
C ASP B 226 17.60 -16.48 22.33
N TYR B 227 16.34 -16.27 22.66
CA TYR B 227 15.26 -16.71 21.77
C TYR B 227 15.23 -15.86 20.51
N TYR B 228 15.33 -14.55 20.67
CA TYR B 228 15.21 -13.65 19.53
C TYR B 228 16.48 -13.65 18.67
N ASN B 229 17.55 -14.23 19.19
CA ASN B 229 18.74 -14.49 18.37
C ASN B 229 18.54 -15.76 17.59
N PHE B 230 17.75 -16.65 18.17
CA PHE B 230 17.43 -17.95 17.59
C PHE B 230 16.29 -17.81 16.60
N ASN B 231 15.37 -16.89 16.91
CA ASN B 231 14.21 -16.59 16.09
C ASN B 231 14.00 -15.08 15.99
N PRO B 232 14.73 -14.41 15.08
CA PRO B 232 14.67 -12.95 14.92
C PRO B 232 13.26 -12.40 14.70
N MET B 233 12.50 -13.05 13.83
CA MET B 233 11.17 -12.57 13.49
C MET B 233 10.19 -12.72 14.65
N GLY B 234 10.52 -13.58 15.60
CA GLY B 234 9.69 -13.81 16.77
C GLY B 234 8.46 -14.66 16.50
N ILE B 235 8.48 -15.41 15.40
CA ILE B 235 7.37 -16.31 15.07
C ILE B 235 7.46 -17.55 15.95
N LYS B 236 6.68 -17.55 17.03
CA LYS B 236 6.71 -18.68 17.96
C LYS B 236 6.17 -19.94 17.28
N SER B 237 5.09 -19.79 16.50
CA SER B 237 4.62 -20.87 15.65
C SER B 237 3.63 -20.39 14.60
N LEU B 238 3.39 -21.24 13.59
CA LEU B 238 2.37 -20.98 12.57
C LEU B 238 1.80 -22.31 12.09
N PHE B 239 0.52 -22.31 11.74
CA PHE B 239 -0.15 -23.54 11.35
C PHE B 239 -1.52 -23.29 10.73
N PHE B 240 -2.01 -24.29 10.01
CA PHE B 240 -3.42 -24.32 9.61
C PHE B 240 -4.24 -24.76 10.81
N SER B 241 -5.43 -24.20 10.98
CA SER B 241 -6.34 -24.65 12.02
C SER B 241 -6.85 -26.05 11.67
N SER B 242 -7.57 -26.66 12.60
CA SER B 242 -8.14 -27.99 12.36
C SER B 242 -9.10 -27.94 11.17
N TYR B 243 -9.69 -26.77 10.94
CA TYR B 243 -10.61 -26.57 9.82
C TYR B 243 -9.95 -25.94 8.59
N GLY B 244 -8.63 -25.77 8.63
CA GLY B 244 -7.89 -25.37 7.44
C GLY B 244 -7.68 -23.88 7.23
N ASP B 245 -7.71 -23.11 8.30
CA ASP B 245 -7.46 -21.67 8.22
C ASP B 245 -6.06 -21.32 8.72
N PRO B 246 -5.34 -20.46 7.97
CA PRO B 246 -3.99 -20.06 8.34
C PRO B 246 -3.93 -19.29 9.67
N CYS B 247 -3.03 -19.71 10.56
CA CYS B 247 -2.85 -19.04 11.84
C CYS B 247 -1.37 -18.77 12.11
N ILE B 248 -1.08 -17.68 12.80
CA ILE B 248 0.28 -17.39 13.20
C ILE B 248 0.32 -16.80 14.61
N PHE B 249 1.39 -17.06 15.34
CA PHE B 249 1.50 -16.70 16.74
C PHE B 249 2.85 -16.03 16.99
N GLY B 250 2.85 -14.71 17.03
CA GLY B 250 4.08 -13.95 17.13
C GLY B 250 4.50 -13.62 18.55
N SER B 251 5.54 -12.80 18.67
CA SER B 251 6.09 -12.44 19.98
C SER B 251 5.12 -11.61 20.81
N ASP B 252 4.09 -11.06 20.17
CA ASP B 252 3.07 -10.32 20.91
C ASP B 252 2.07 -11.29 21.53
N ASN B 253 2.33 -12.57 21.36
CA ASN B 253 1.53 -13.63 21.96
C ASN B 253 0.06 -13.55 21.60
N THR B 254 -0.21 -13.08 20.40
CA THR B 254 -1.58 -12.96 19.92
C THR B 254 -1.78 -13.88 18.71
N LEU B 255 -2.84 -14.68 18.77
CA LEU B 255 -3.15 -15.59 17.68
C LEU B 255 -3.84 -14.84 16.54
N LEU B 256 -3.20 -14.82 15.38
CA LEU B 256 -3.81 -14.20 14.20
C LEU B 256 -4.34 -15.27 13.24
N LEU B 257 -5.61 -15.14 12.88
CA LEU B 257 -6.24 -16.04 11.92
C LEU B 257 -6.63 -15.30 10.66
N LEU B 258 -6.35 -15.91 9.51
CA LEU B 258 -6.67 -15.28 8.23
C LEU B 258 -8.09 -15.66 7.78
N SER B 259 -8.95 -14.65 7.70
CA SER B 259 -10.34 -14.85 7.32
C SER B 259 -10.56 -14.52 5.85
N LYS B 260 -11.46 -15.26 5.20
CA LYS B 260 -11.81 -15.03 3.80
C LYS B 260 -10.60 -15.14 2.87
N TRP B 261 -9.75 -16.13 3.11
CA TRP B 261 -8.54 -16.26 2.32
C TRP B 261 -8.85 -16.75 0.91
N ARG B 262 -10.06 -17.25 0.72
CA ARG B 262 -10.51 -17.70 -0.59
C ARG B 262 -10.96 -16.52 -1.45
N SER B 263 -11.34 -15.42 -0.79
CA SER B 263 -11.74 -14.20 -1.48
C SER B 263 -10.70 -13.11 -1.25
N PRO B 264 -9.79 -12.92 -2.22
CA PRO B 264 -8.66 -12.01 -2.10
C PRO B 264 -9.04 -10.61 -1.62
N GLU B 265 -10.12 -10.05 -2.15
CA GLU B 265 -10.51 -8.68 -1.80
C GLU B 265 -11.20 -8.59 -0.44
N GLU B 266 -11.50 -9.74 0.17
CA GLU B 266 -12.19 -9.77 1.44
C GLU B 266 -11.30 -10.31 2.56
N SER B 267 -10.04 -10.56 2.23
CA SER B 267 -9.09 -11.17 3.17
C SER B 267 -8.78 -10.28 4.36
N LYS B 268 -8.93 -10.83 5.55
CA LYS B 268 -8.65 -10.10 6.79
C LYS B 268 -7.85 -10.95 7.77
N TRP B 269 -6.87 -10.35 8.42
CA TRP B 269 -6.19 -11.01 9.53
C TRP B 269 -6.93 -10.66 10.81
N LEU B 270 -7.34 -11.67 11.56
CA LEU B 270 -8.13 -11.47 12.76
C LEU B 270 -7.42 -11.90 14.04
N PRO B 271 -7.18 -10.97 14.95
CA PRO B 271 -6.69 -11.32 16.29
C PRO B 271 -7.81 -11.96 17.11
N ILE B 272 -7.70 -13.26 17.37
CA ILE B 272 -8.78 -13.98 18.02
C ILE B 272 -8.40 -14.48 19.41
N LEU B 273 -7.19 -14.16 19.84
CA LEU B 273 -6.74 -14.54 21.19
C LEU B 273 -5.56 -13.72 21.67
N ASP B 274 -5.78 -12.96 22.74
CA ASP B 274 -4.69 -12.31 23.45
C ASP B 274 -4.34 -13.17 24.67
N SER B 275 -3.38 -14.06 24.48
CA SER B 275 -2.99 -15.02 25.52
C SER B 275 -2.47 -14.33 26.78
N ASN B 276 -1.83 -13.18 26.61
CA ASN B 276 -1.36 -12.41 27.75
C ASN B 276 -2.54 -11.96 28.60
N MET B 277 -3.64 -11.63 27.94
CA MET B 277 -4.85 -11.20 28.63
C MET B 277 -5.49 -12.35 29.39
N GLU B 278 -5.52 -13.53 28.78
CA GLU B 278 -6.11 -14.71 29.40
C GLU B 278 -5.35 -15.14 30.66
N ILE B 279 -4.03 -15.12 30.58
CA ILE B 279 -3.20 -15.43 31.74
C ILE B 279 -3.50 -14.45 32.88
N TRP B 280 -3.64 -13.17 32.53
CA TRP B 280 -4.00 -12.14 33.49
C TRP B 280 -5.35 -12.44 34.16
N LYS B 281 -6.30 -12.93 33.37
CA LYS B 281 -7.62 -13.26 33.88
C LYS B 281 -7.58 -14.55 34.71
N MET B 282 -6.73 -15.49 34.29
CA MET B 282 -6.54 -16.74 35.02
C MET B 282 -5.84 -16.49 36.36
N SER B 283 -5.02 -15.45 36.40
CA SER B 283 -4.26 -15.11 37.60
C SER B 283 -5.08 -14.21 38.52
N GLY B 284 -6.37 -14.09 38.25
CA GLY B 284 -7.27 -13.29 39.05
C GLY B 284 -6.95 -11.80 38.98
N GLY B 285 -6.57 -11.33 37.80
CA GLY B 285 -6.30 -9.93 37.59
C GLY B 285 -4.92 -9.50 38.07
N LYS B 286 -4.06 -10.46 38.36
CA LYS B 286 -2.72 -10.16 38.82
C LYS B 286 -1.72 -10.23 37.66
N GLU B 287 -0.81 -9.26 37.60
CA GLU B 287 0.25 -9.27 36.62
C GLU B 287 1.33 -10.28 36.99
N THR B 288 1.66 -11.16 36.06
CA THR B 288 2.68 -12.18 36.31
C THR B 288 3.84 -12.01 35.34
N THR B 289 4.99 -12.59 35.68
CA THR B 289 6.16 -12.54 34.82
C THR B 289 6.77 -13.93 34.64
N ASP B 290 6.04 -14.94 35.10
CA ASP B 290 6.57 -16.31 35.08
C ASP B 290 5.69 -17.28 34.32
N ILE B 291 4.58 -16.81 33.77
CA ILE B 291 3.69 -17.68 33.00
C ILE B 291 3.64 -17.27 31.53
N HIS B 292 3.91 -18.22 30.65
CA HIS B 292 3.92 -17.96 29.22
C HIS B 292 3.21 -19.06 28.45
N VAL B 293 2.79 -18.75 27.23
CA VAL B 293 2.08 -19.68 26.38
C VAL B 293 2.94 -20.11 25.19
N TRP B 294 2.99 -21.40 24.92
CA TRP B 294 3.68 -21.92 23.76
C TRP B 294 2.68 -22.62 22.85
N PRO B 295 2.42 -22.06 21.65
CA PRO B 295 1.35 -22.50 20.75
C PRO B 295 1.63 -23.82 20.03
N LEU B 296 0.66 -24.71 20.03
CA LEU B 296 0.79 -26.00 19.33
C LEU B 296 -0.12 -26.07 18.12
N ALA B 297 -1.41 -25.78 18.33
CA ALA B 297 -2.40 -25.87 17.26
C ALA B 297 -3.67 -25.10 17.61
N LEU B 298 -4.54 -24.93 16.61
CA LEU B 298 -5.87 -24.38 16.85
C LEU B 298 -6.92 -25.40 16.45
N ALA B 299 -7.71 -25.84 17.42
CA ALA B 299 -8.79 -26.78 17.16
C ALA B 299 -10.13 -26.09 17.33
N TYR B 300 -10.73 -25.71 16.21
CA TYR B 300 -12.02 -25.06 16.16
C TYR B 300 -12.01 -23.73 16.94
N ASP B 301 -12.21 -23.80 18.25
CA ASP B 301 -12.29 -22.60 19.07
C ASP B 301 -11.29 -22.62 20.22
N THR B 302 -10.44 -23.64 20.23
CA THR B 302 -9.53 -23.86 21.33
C THR B 302 -8.07 -23.90 20.88
N LEU B 303 -7.23 -23.16 21.59
CA LEU B 303 -5.79 -23.15 21.33
C LEU B 303 -5.06 -24.22 22.14
N ASN B 304 -4.57 -25.24 21.46
N ASN B 304 -4.56 -25.24 21.47
CA ASN B 304 -3.72 -26.24 22.09
CA ASN B 304 -3.75 -26.24 22.15
C ASN B 304 -2.34 -25.66 22.37
C ASN B 304 -2.36 -25.67 22.39
N CYS B 305 -1.88 -25.77 23.62
CA CYS B 305 -0.62 -25.14 23.98
C CYS B 305 0.12 -25.81 25.13
N ILE B 306 1.28 -25.25 25.45
CA ILE B 306 2.06 -25.63 26.62
C ILE B 306 2.12 -24.44 27.57
N LEU B 307 1.69 -24.62 28.81
CA LEU B 307 1.83 -23.55 29.79
C LEU B 307 3.20 -23.61 30.43
N VAL B 308 4.05 -22.65 30.06
CA VAL B 308 5.42 -22.62 30.55
C VAL B 308 5.54 -21.81 31.83
N LYS B 309 6.02 -22.46 32.89
CA LYS B 309 6.24 -21.79 34.16
C LYS B 309 7.75 -21.66 34.38
N GLY B 310 8.24 -20.43 34.48
CA GLY B 310 9.66 -20.20 34.65
C GLY B 310 10.14 -18.85 34.14
N LYS B 311 11.45 -18.65 34.18
CA LYS B 311 12.04 -17.39 33.74
C LYS B 311 12.06 -17.29 32.22
N HIS B 312 12.29 -18.42 31.55
CA HIS B 312 12.31 -18.47 30.09
C HIS B 312 10.90 -18.56 29.50
N ILE B 313 10.74 -18.07 28.27
CA ILE B 313 9.42 -18.05 27.64
C ILE B 313 9.15 -19.31 26.83
N TRP B 314 10.19 -20.10 26.61
CA TRP B 314 10.04 -21.35 25.86
C TRP B 314 10.09 -22.56 26.79
N PRO B 315 9.36 -23.63 26.45
CA PRO B 315 9.35 -24.83 27.30
C PRO B 315 10.71 -25.51 27.38
N GLU B 316 10.89 -26.29 28.44
CA GLU B 316 12.16 -26.99 28.65
C GLU B 316 11.86 -28.42 29.08
N PHE B 317 12.88 -29.11 29.61
CA PHE B 317 12.74 -30.51 29.96
C PHE B 317 12.64 -30.68 31.48
N PRO B 318 11.67 -31.47 31.94
CA PRO B 318 10.68 -32.20 31.14
C PRO B 318 9.51 -31.35 30.65
N LEU B 319 8.91 -31.77 29.54
CA LEU B 319 7.78 -31.08 28.95
C LEU B 319 6.49 -31.31 29.74
N PRO B 320 5.76 -30.23 30.06
CA PRO B 320 4.47 -30.35 30.74
C PRO B 320 3.42 -31.04 29.86
N LEU B 321 2.29 -31.41 30.45
CA LEU B 321 1.17 -31.90 29.68
C LEU B 321 0.52 -30.71 28.98
N PRO B 322 0.07 -30.91 27.72
CA PRO B 322 -0.56 -29.83 26.97
C PRO B 322 -1.80 -29.27 27.66
N SER B 323 -2.00 -27.97 27.55
CA SER B 323 -3.16 -27.30 28.13
C SER B 323 -4.08 -26.85 27.01
N GLU B 324 -5.28 -26.39 27.38
CA GLU B 324 -6.22 -25.86 26.41
C GLU B 324 -6.61 -24.43 26.78
N MET B 325 -6.62 -23.56 25.78
CA MET B 325 -7.02 -22.18 25.99
C MET B 325 -8.02 -21.73 24.92
N GLU B 326 -9.29 -21.63 25.30
CA GLU B 326 -10.34 -21.18 24.38
C GLU B 326 -10.05 -19.77 23.88
N ILE B 327 -10.27 -19.54 22.59
CA ILE B 327 -10.03 -18.22 22.03
C ILE B 327 -11.06 -17.20 22.53
N ARG B 328 -10.60 -15.97 22.70
CA ARG B 328 -11.44 -14.87 23.15
C ARG B 328 -11.13 -13.62 22.36
N MET B 329 -12.17 -12.96 21.85
CA MET B 329 -11.97 -11.72 21.10
C MET B 329 -11.44 -10.64 22.02
N PRO B 330 -10.37 -9.95 21.60
CA PRO B 330 -9.72 -8.90 22.41
C PRO B 330 -10.62 -7.69 22.56
N VAL B 331 -11.66 -7.82 23.38
CA VAL B 331 -12.59 -6.71 23.59
C VAL B 331 -12.73 -6.40 25.07
N PHE B 332 -11.98 -7.12 25.90
CA PHE B 332 -12.04 -6.92 27.34
C PHE B 332 -11.00 -5.92 27.81
N VAL B 333 -11.41 -5.06 28.74
CA VAL B 333 -10.52 -4.05 29.31
C VAL B 333 -10.24 -4.37 30.77
N LYS B 334 -8.97 -4.31 31.14
CA LYS B 334 -8.55 -4.67 32.50
C LYS B 334 -9.27 -3.86 33.57
N SER B 335 -9.29 -2.53 33.39
CA SER B 335 -9.93 -1.64 34.37
C SER B 335 -11.40 -1.98 34.61
N LYS B 336 -12.15 -2.17 33.54
CA LYS B 336 -13.56 -2.53 33.65
C LYS B 336 -13.75 -3.92 34.27
N LEU B 337 -12.82 -4.83 33.98
CA LEU B 337 -12.88 -6.16 34.55
C LEU B 337 -12.69 -6.15 36.06
N LEU B 338 -11.68 -5.40 36.53
CA LEU B 338 -11.41 -5.29 37.96
C LEU B 338 -12.58 -4.69 38.73
N GLU B 339 -13.18 -3.66 38.14
CA GLU B 339 -14.29 -2.95 38.75
C GLU B 339 -15.51 -3.84 39.01
N GLU B 340 -15.81 -4.71 38.05
CA GLU B 340 -16.97 -5.57 38.15
C GLU B 340 -16.76 -6.72 39.14
N ASN B 341 -15.52 -7.14 39.30
CA ASN B 341 -15.17 -8.18 40.26
C ASN B 341 -15.31 -7.73 41.71
N LYS B 342 -15.18 -6.43 41.96
CA LYS B 342 -15.31 -5.89 43.32
C LYS B 342 -16.76 -5.91 43.77
N ALA B 343 -17.69 -5.78 42.83
CA ALA B 343 -19.11 -5.79 43.13
C ALA B 343 -19.66 -7.22 43.22
N ILE B 344 -18.95 -8.15 42.61
CA ILE B 344 -19.34 -9.56 42.62
C ILE B 344 -18.87 -10.24 43.91
N LEU B 345 -17.63 -9.99 44.29
CA LEU B 345 -17.06 -10.59 45.51
C LEU B 345 -17.58 -9.89 46.76
N ASN B 346 -18.17 -8.70 46.59
CA ASN B 346 -18.80 -8.00 47.69
C ASN B 346 -20.12 -8.65 48.08
N LYS B 347 -20.85 -9.11 47.07
CA LYS B 347 -22.14 -9.78 47.29
C LYS B 347 -21.96 -11.12 47.97
N GLU B 365 -9.97 -16.81 39.98
CA GLU B 365 -10.09 -16.37 38.59
C GLU B 365 -11.08 -15.23 38.43
N ILE B 366 -10.81 -14.34 37.47
CA ILE B 366 -11.64 -13.18 37.20
C ILE B 366 -13.06 -13.55 36.74
N GLN B 367 -14.06 -12.98 37.40
CA GLN B 367 -15.46 -13.17 37.02
C GLN B 367 -15.86 -12.13 35.97
N ILE B 368 -16.59 -12.57 34.94
CA ILE B 368 -17.01 -11.68 33.87
C ILE B 368 -18.50 -11.38 33.94
N PRO B 369 -18.88 -10.09 33.93
CA PRO B 369 -20.28 -9.67 33.88
C PRO B 369 -21.00 -10.19 32.64
N VAL B 370 -22.21 -10.71 32.81
CA VAL B 370 -22.96 -11.36 31.73
C VAL B 370 -23.20 -10.43 30.54
N SER B 371 -23.44 -9.15 30.82
CA SER B 371 -23.67 -8.17 29.76
C SER B 371 -22.42 -7.98 28.90
N MET B 372 -21.27 -7.85 29.56
CA MET B 372 -19.99 -7.67 28.88
C MET B 372 -19.56 -8.95 28.18
N ALA B 373 -19.86 -10.08 28.80
CA ALA B 373 -19.50 -11.38 28.26
C ALA B 373 -20.30 -11.71 27.01
N ALA B 374 -21.50 -11.16 26.93
CA ALA B 374 -22.37 -11.41 25.79
C ALA B 374 -21.83 -10.79 24.50
N GLU B 375 -21.19 -9.64 24.63
CA GLU B 375 -20.63 -8.96 23.47
C GLU B 375 -19.50 -9.78 22.84
N GLU B 376 -18.59 -10.28 23.68
CA GLU B 376 -17.47 -11.08 23.19
C GLU B 376 -17.97 -12.38 22.58
N GLU B 377 -18.95 -13.00 23.23
CA GLU B 377 -19.51 -14.25 22.74
C GLU B 377 -20.21 -14.04 21.40
N TYR B 378 -20.84 -12.87 21.24
CA TYR B 378 -21.48 -12.53 19.98
C TYR B 378 -20.43 -12.42 18.88
N LEU B 379 -19.38 -11.64 19.13
CA LEU B 379 -18.31 -11.44 18.16
C LEU B 379 -17.61 -12.76 17.81
N ARG B 380 -17.28 -13.54 18.84
CA ARG B 380 -16.58 -14.80 18.66
C ARG B 380 -17.39 -15.77 17.80
N SER B 381 -18.67 -15.89 18.12
CA SER B 381 -19.57 -16.78 17.39
C SER B 381 -19.71 -16.31 15.94
N LYS B 382 -19.83 -15.00 15.78
CA LYS B 382 -19.96 -14.40 14.46
C LYS B 382 -18.77 -14.77 13.58
N VAL B 383 -17.57 -14.65 14.13
CA VAL B 383 -16.33 -14.96 13.42
C VAL B 383 -16.22 -16.45 13.10
N LEU B 384 -16.41 -17.29 14.12
CA LEU B 384 -16.31 -18.73 13.92
C LEU B 384 -17.35 -19.23 12.92
N SER B 385 -18.56 -18.69 13.00
CA SER B 385 -19.64 -19.06 12.10
C SER B 385 -19.31 -18.71 10.66
N GLU B 386 -18.82 -17.48 10.46
CA GLU B 386 -18.47 -17.00 9.14
C GLU B 386 -17.40 -17.88 8.51
N LEU B 387 -16.42 -18.26 9.32
CA LEU B 387 -15.30 -19.08 8.86
C LEU B 387 -15.75 -20.48 8.46
N LEU B 388 -16.48 -21.13 9.35
CA LEU B 388 -16.89 -22.51 9.16
C LEU B 388 -17.84 -22.64 7.99
N THR B 389 -18.66 -21.61 7.79
CA THR B 389 -19.57 -21.58 6.65
C THR B 389 -18.78 -21.58 5.34
N ASP B 390 -17.80 -20.69 5.25
CA ASP B 390 -16.92 -20.65 4.08
C ASP B 390 -16.21 -21.98 3.88
N THR B 391 -15.87 -22.63 4.98
CA THR B 391 -15.19 -23.92 4.94
C THR B 391 -16.07 -24.97 4.29
N LEU B 392 -17.29 -25.12 4.80
CA LEU B 392 -18.21 -26.13 4.32
C LEU B 392 -18.69 -25.85 2.90
N GLU B 393 -18.85 -24.58 2.57
CA GLU B 393 -19.34 -24.18 1.25
C GLU B 393 -18.31 -24.43 0.15
N ASN B 394 -17.06 -24.66 0.53
CA ASN B 394 -15.98 -24.80 -0.43
C ASN B 394 -15.32 -26.18 -0.37
N ASP B 395 -15.01 -26.63 0.83
CA ASP B 395 -14.27 -27.88 1.00
C ASP B 395 -15.16 -29.01 1.54
N GLY B 396 -16.36 -28.66 1.98
CA GLY B 396 -17.29 -29.64 2.53
C GLY B 396 -16.83 -30.10 3.90
N GLU B 397 -17.23 -31.29 4.31
CA GLU B 397 -16.83 -31.78 5.62
C GLU B 397 -15.56 -32.62 5.49
N MET B 398 -14.82 -32.71 6.59
CA MET B 398 -13.58 -33.47 6.62
C MET B 398 -13.58 -34.44 7.81
N TYR B 399 -14.27 -34.03 8.88
CA TYR B 399 -14.32 -34.84 10.09
C TYR B 399 -15.68 -35.52 10.21
N GLY B 400 -16.71 -34.89 9.64
CA GLY B 400 -18.02 -35.51 9.54
C GLY B 400 -19.10 -34.94 10.45
N ASN B 401 -18.72 -34.00 11.33
CA ASN B 401 -19.68 -33.42 12.26
C ASN B 401 -19.76 -31.89 12.19
N GLU B 402 -19.14 -31.30 11.17
CA GLU B 402 -19.04 -29.85 11.08
C GLU B 402 -20.40 -29.16 10.97
N ASN B 403 -21.33 -29.79 10.27
CA ASN B 403 -22.67 -29.23 10.12
C ASN B 403 -23.37 -29.13 11.47
N GLU B 404 -23.16 -30.13 12.31
CA GLU B 404 -23.70 -30.11 13.67
C GLU B 404 -23.03 -28.99 14.46
N VAL B 405 -21.72 -28.83 14.25
CA VAL B 405 -20.95 -27.79 14.91
C VAL B 405 -21.44 -26.41 14.51
N LEU B 406 -21.56 -26.20 13.20
CA LEU B 406 -22.02 -24.93 12.66
C LEU B 406 -23.43 -24.61 13.16
N ALA B 407 -24.27 -25.64 13.23
CA ALA B 407 -25.65 -25.49 13.67
C ALA B 407 -25.71 -25.00 15.11
N ALA B 408 -24.93 -25.64 15.98
CA ALA B 408 -24.87 -25.22 17.37
C ALA B 408 -24.23 -23.84 17.48
N LEU B 409 -23.32 -23.56 16.56
CA LEU B 409 -22.59 -22.30 16.54
C LEU B 409 -23.51 -21.12 16.24
N ASN B 410 -24.33 -21.27 15.21
CA ASN B 410 -25.34 -20.27 14.87
C ASN B 410 -26.37 -20.13 15.99
N GLY B 411 -26.63 -21.22 16.69
CA GLY B 411 -27.52 -21.19 17.83
C GLY B 411 -26.93 -20.33 18.92
N ALA B 412 -25.64 -20.53 19.21
CA ALA B 412 -24.94 -19.75 20.22
C ALA B 412 -24.89 -18.27 19.81
N TYR B 413 -24.77 -18.05 18.50
CA TYR B 413 -24.74 -16.71 17.93
C TYR B 413 -26.01 -15.91 18.27
N ASP B 414 -27.17 -16.46 17.89
CA ASP B 414 -28.45 -15.80 18.12
C ASP B 414 -28.73 -15.66 19.61
N LYS B 415 -28.39 -16.67 20.39
CA LYS B 415 -28.66 -16.66 21.82
C LYS B 415 -27.89 -15.53 22.52
N ALA B 416 -26.61 -15.38 22.18
CA ALA B 416 -25.79 -14.32 22.75
C ALA B 416 -26.26 -12.96 22.24
N LEU B 417 -26.73 -12.94 21.00
CA LEU B 417 -27.20 -11.71 20.38
C LEU B 417 -28.49 -11.23 21.04
N LEU B 418 -29.30 -12.18 21.50
CA LEU B 418 -30.55 -11.87 22.18
C LEU B 418 -30.31 -11.26 23.56
N ARG B 419 -29.20 -11.61 24.19
CA ARG B 419 -28.84 -11.00 25.48
C ARG B 419 -28.54 -9.52 25.32
N LEU B 420 -27.79 -9.18 24.27
CA LEU B 420 -27.50 -7.79 23.96
C LEU B 420 -28.78 -7.05 23.66
N PHE B 421 -29.68 -7.74 22.96
CA PHE B 421 -30.98 -7.17 22.61
C PHE B 421 -31.82 -6.88 23.85
N ALA B 422 -31.73 -7.76 24.84
CA ALA B 422 -32.46 -7.58 26.09
C ALA B 422 -31.95 -6.37 26.86
N SER B 423 -30.63 -6.26 26.97
CA SER B 423 -29.99 -5.13 27.65
C SER B 423 -30.34 -3.81 26.98
N ALA B 424 -30.41 -3.84 25.64
CA ALA B 424 -30.76 -2.66 24.88
C ALA B 424 -32.19 -2.25 25.17
N CYS B 425 -33.06 -3.24 25.30
CA CYS B 425 -34.46 -2.99 25.64
C CYS B 425 -34.57 -2.46 27.06
N SER B 426 -33.72 -2.99 27.94
CA SER B 426 -33.71 -2.58 29.34
C SER B 426 -33.37 -1.11 29.50
N ASP B 427 -32.50 -0.60 28.64
CA ASP B 427 -32.10 0.80 28.69
C ASP B 427 -32.99 1.66 27.81
N GLN B 428 -34.13 1.10 27.40
CA GLN B 428 -35.10 1.79 26.56
C GLN B 428 -34.51 2.28 25.24
N ASN B 429 -33.39 1.67 24.84
CA ASN B 429 -32.70 2.05 23.61
C ASN B 429 -33.27 1.30 22.41
N VAL B 430 -34.39 1.79 21.89
CA VAL B 430 -35.11 1.13 20.80
C VAL B 430 -34.28 1.04 19.53
N GLU B 431 -33.50 2.07 19.24
CA GLU B 431 -32.67 2.08 18.03
C GLU B 431 -31.59 1.01 18.08
N LYS B 432 -30.85 0.97 19.19
CA LYS B 432 -29.76 0.01 19.33
C LYS B 432 -30.29 -1.42 19.29
N ALA B 433 -31.46 -1.62 19.89
CA ALA B 433 -32.09 -2.94 19.91
C ALA B 433 -32.45 -3.41 18.50
N LEU B 434 -32.99 -2.50 17.69
CA LEU B 434 -33.39 -2.83 16.33
C LEU B 434 -32.18 -3.22 15.48
N SER B 435 -31.07 -2.50 15.67
CA SER B 435 -29.84 -2.80 14.94
C SER B 435 -29.35 -4.19 15.30
N LEU B 436 -29.48 -4.54 16.57
CA LEU B 436 -29.11 -5.85 17.07
C LEU B 436 -30.04 -6.92 16.49
N ALA B 437 -31.32 -6.58 16.36
CA ALA B 437 -32.31 -7.52 15.87
C ALA B 437 -32.04 -7.91 14.42
N HIS B 438 -31.53 -6.95 13.65
CA HIS B 438 -31.22 -7.19 12.23
C HIS B 438 -30.14 -8.25 12.03
N GLU B 439 -29.25 -8.38 13.00
CA GLU B 439 -28.13 -9.31 12.88
C GLU B 439 -28.51 -10.73 13.22
N LEU B 440 -29.73 -10.91 13.73
CA LEU B 440 -30.23 -12.24 14.08
C LEU B 440 -30.35 -13.12 12.82
N LYS B 441 -30.09 -14.42 12.99
CA LYS B 441 -30.09 -15.34 11.85
C LYS B 441 -31.42 -16.07 11.65
N GLN B 442 -31.80 -16.87 12.63
CA GLN B 442 -32.97 -17.71 12.53
C GLN B 442 -34.26 -16.91 12.76
N ASP B 443 -35.31 -17.24 12.02
CA ASP B 443 -36.59 -16.55 12.17
C ASP B 443 -37.19 -16.82 13.55
N ARG B 444 -36.84 -17.96 14.14
CA ARG B 444 -37.32 -18.30 15.47
C ARG B 444 -36.70 -17.37 16.53
N ALA B 445 -35.51 -16.85 16.22
CA ALA B 445 -34.85 -15.88 17.09
C ALA B 445 -35.53 -14.53 17.00
N LEU B 446 -36.03 -14.19 15.81
CA LEU B 446 -36.81 -12.98 15.62
C LEU B 446 -38.04 -13.01 16.50
N THR B 447 -38.67 -14.18 16.55
CA THR B 447 -39.84 -14.40 17.40
C THR B 447 -39.46 -14.17 18.86
N ALA B 448 -38.31 -14.70 19.25
CA ALA B 448 -37.82 -14.53 20.61
C ALA B 448 -37.60 -13.06 20.94
N ALA B 449 -37.13 -12.30 19.95
CA ALA B 449 -36.90 -10.87 20.12
C ALA B 449 -38.21 -10.13 20.34
N VAL B 450 -39.24 -10.54 19.60
CA VAL B 450 -40.56 -9.93 19.69
C VAL B 450 -41.12 -10.09 21.10
N LYS B 451 -41.07 -11.32 21.61
CA LYS B 451 -41.59 -11.60 22.94
C LYS B 451 -40.82 -10.83 24.01
N ILE B 452 -39.52 -10.66 23.81
CA ILE B 452 -38.72 -9.85 24.72
C ILE B 452 -39.18 -8.40 24.68
N SER B 453 -39.47 -7.91 23.48
CA SER B 453 -39.94 -6.54 23.30
C SER B 453 -41.30 -6.32 23.94
N GLU B 454 -42.17 -7.32 23.84
CA GLU B 454 -43.50 -7.25 24.44
C GLU B 454 -43.39 -7.16 25.96
N ARG B 455 -42.53 -7.98 26.54
CA ARG B 455 -42.29 -7.98 27.98
C ARG B 455 -41.69 -6.65 28.43
N ALA B 456 -41.00 -5.98 27.51
CA ALA B 456 -40.38 -4.69 27.80
C ALA B 456 -41.37 -3.56 27.51
N GLU B 457 -42.54 -3.93 26.99
CA GLU B 457 -43.59 -2.99 26.63
C GLU B 457 -43.11 -1.95 25.62
N LEU B 458 -42.59 -2.44 24.50
CA LEU B 458 -42.13 -1.59 23.40
C LEU B 458 -42.83 -1.99 22.10
N PRO B 459 -44.10 -1.59 21.95
CA PRO B 459 -44.92 -2.00 20.80
C PRO B 459 -44.38 -1.52 19.46
N SER B 460 -43.76 -0.34 19.43
CA SER B 460 -43.21 0.20 18.20
C SER B 460 -42.06 -0.67 17.69
N LEU B 461 -41.28 -1.20 18.63
CA LEU B 461 -40.17 -2.07 18.29
C LEU B 461 -40.70 -3.37 17.72
N VAL B 462 -41.73 -3.92 18.36
CA VAL B 462 -42.36 -5.17 17.94
C VAL B 462 -42.79 -5.11 16.48
N LYS B 463 -43.46 -4.02 16.10
CA LYS B 463 -43.92 -3.85 14.73
C LYS B 463 -42.74 -3.81 13.76
N LYS B 464 -41.66 -3.14 14.18
CA LYS B 464 -40.49 -2.99 13.33
C LYS B 464 -39.71 -4.30 13.18
N ILE B 465 -39.72 -5.12 14.22
CA ILE B 465 -39.10 -6.44 14.16
C ILE B 465 -39.92 -7.36 13.27
N ASN B 466 -41.24 -7.24 13.34
CA ASN B 466 -42.13 -8.00 12.48
C ASN B 466 -41.95 -7.61 11.01
N ASN B 467 -41.56 -6.36 10.77
CA ASN B 467 -41.25 -5.91 9.43
C ASN B 467 -40.06 -6.66 8.84
N ILE B 468 -39.10 -7.00 9.70
CA ILE B 468 -37.94 -7.77 9.28
C ILE B 468 -38.37 -9.15 8.80
N ARG B 469 -39.24 -9.80 9.56
CA ARG B 469 -39.75 -11.12 9.19
C ARG B 469 -40.43 -11.07 7.82
N GLU B 470 -41.23 -10.03 7.60
CA GLU B 470 -41.93 -9.86 6.33
C GLU B 470 -40.95 -9.61 5.20
N ALA B 471 -39.93 -8.79 5.47
CA ALA B 471 -38.92 -8.44 4.48
C ALA B 471 -38.11 -9.65 4.04
N ARG B 472 -37.75 -10.49 5.01
CA ARG B 472 -36.99 -11.70 4.72
C ARG B 472 -37.86 -12.70 3.97
N TYR B 473 -39.15 -12.68 4.25
CA TYR B 473 -40.10 -13.51 3.53
C TYR B 473 -40.22 -13.05 2.07
N GLU B 474 -40.09 -11.75 1.85
CA GLU B 474 -40.20 -11.18 0.52
C GLU B 474 -38.95 -11.40 -0.33
N GLN B 475 -37.79 -11.36 0.32
CA GLN B 475 -36.52 -11.60 -0.36
C GLN B 475 -36.34 -13.07 -0.77
N GLN B 476 -36.96 -13.97 -0.02
CA GLN B 476 -36.85 -15.40 -0.33
C GLN B 476 -37.65 -15.78 -1.56
N LEU B 477 -38.68 -15.00 -1.87
CA LEU B 477 -39.54 -15.29 -3.01
C LEU B 477 -39.03 -14.69 -4.31
N LYS B 478 -38.22 -13.64 -4.19
CA LYS B 478 -37.67 -12.96 -5.36
C LYS B 478 -36.38 -13.63 -5.85
N PHE C 25 21.20 12.32 -0.10
CA PHE C 25 21.18 11.83 -1.48
C PHE C 25 20.96 12.95 -2.47
N ARG C 26 21.58 12.83 -3.64
CA ARG C 26 21.51 13.88 -4.66
C ARG C 26 20.81 13.41 -5.93
N TYR C 27 19.75 14.12 -6.31
CA TYR C 27 19.04 13.83 -7.55
C TYR C 27 19.74 14.47 -8.73
N MET C 28 20.51 13.68 -9.47
CA MET C 28 21.22 14.17 -10.65
C MET C 28 20.41 13.91 -11.92
N PRO C 29 20.40 14.88 -12.85
CA PRO C 29 19.71 14.76 -14.13
C PRO C 29 20.21 13.57 -14.95
N PHE C 30 19.29 12.70 -15.34
CA PHE C 30 19.65 11.46 -16.03
C PHE C 30 19.23 11.43 -17.49
N SER C 31 20.04 10.78 -18.32
CA SER C 31 19.69 10.47 -19.69
C SER C 31 20.41 9.19 -20.10
N PRO C 32 19.77 8.36 -20.94
CA PRO C 32 20.33 7.07 -21.36
C PRO C 32 21.73 7.18 -21.94
N ALA C 33 22.66 6.41 -21.38
CA ALA C 33 24.05 6.36 -21.84
C ALA C 33 24.72 7.73 -21.88
N GLY C 34 24.25 8.63 -21.02
CA GLY C 34 24.84 9.96 -20.93
C GLY C 34 26.19 9.93 -20.25
N THR C 35 27.10 10.79 -20.70
CA THR C 35 28.45 10.86 -20.16
C THR C 35 28.69 12.20 -19.48
N PRO C 36 29.60 12.24 -18.49
CA PRO C 36 29.94 13.50 -17.82
C PRO C 36 30.98 14.32 -18.57
N PHE C 37 31.08 15.61 -18.26
CA PHE C 37 32.10 16.47 -18.85
C PHE C 37 33.49 16.04 -18.44
N GLY C 38 33.69 15.86 -17.14
CA GLY C 38 35.00 15.57 -16.59
C GLY C 38 35.87 16.81 -16.60
N PHE C 39 37.08 16.69 -17.15
CA PHE C 39 37.98 17.82 -17.26
C PHE C 39 37.85 18.46 -18.63
N THR C 40 37.00 17.86 -19.46
CA THR C 40 36.76 18.35 -20.81
C THR C 40 35.63 19.36 -20.83
N ASP C 41 35.37 19.95 -21.99
CA ASP C 41 34.29 20.93 -22.12
C ASP C 41 33.19 20.39 -23.03
N ARG C 42 33.15 19.08 -23.18
CA ARG C 42 32.11 18.45 -23.98
C ARG C 42 31.76 17.07 -23.43
N ARG C 43 30.56 16.62 -23.72
CA ARG C 43 30.08 15.32 -23.28
C ARG C 43 28.95 14.85 -24.17
N TYR C 44 28.45 13.65 -23.89
CA TYR C 44 27.28 13.15 -24.59
C TYR C 44 26.04 13.27 -23.71
N LEU C 45 25.01 13.94 -24.23
CA LEU C 45 23.75 14.07 -23.51
C LEU C 45 23.03 12.72 -23.42
N THR C 46 22.86 12.07 -24.56
CA THR C 46 22.30 10.73 -24.59
C THR C 46 22.80 9.97 -25.82
N MET C 47 22.43 8.70 -25.90
CA MET C 47 23.07 7.80 -26.85
C MET C 47 22.34 6.46 -26.92
N ASN C 48 21.87 6.09 -28.10
CA ASN C 48 21.24 4.78 -28.29
C ASN C 48 21.46 4.23 -29.69
N GLU C 49 20.60 3.29 -30.09
CA GLU C 49 20.77 2.62 -31.39
C GLU C 49 20.52 3.56 -32.57
N VAL C 50 19.88 4.70 -32.30
CA VAL C 50 19.55 5.64 -33.36
C VAL C 50 20.72 6.58 -33.65
N GLY C 51 21.34 7.11 -32.59
CA GLY C 51 22.45 8.02 -32.74
C GLY C 51 22.99 8.50 -31.42
N TYR C 52 23.69 9.63 -31.46
CA TYR C 52 24.31 10.18 -30.26
C TYR C 52 24.22 11.72 -30.25
N VAL C 53 23.97 12.28 -29.07
CA VAL C 53 23.80 13.72 -28.93
C VAL C 53 24.89 14.32 -28.05
N SER C 54 25.61 15.30 -28.60
CA SER C 54 26.72 15.93 -27.89
C SER C 54 26.41 17.35 -27.49
N THR C 55 27.11 17.84 -26.47
CA THR C 55 27.02 19.24 -26.08
C THR C 55 28.42 19.78 -25.77
N VAL C 56 28.73 20.96 -26.28
CA VAL C 56 30.05 21.56 -26.09
C VAL C 56 29.94 22.95 -25.46
N LYS C 57 30.69 23.18 -24.38
CA LYS C 57 30.71 24.47 -23.72
C LYS C 57 31.47 25.51 -24.54
N ASN C 58 30.78 26.58 -24.93
CA ASN C 58 31.42 27.68 -25.63
C ASN C 58 31.77 28.82 -24.70
N SER C 59 31.92 30.01 -25.25
CA SER C 59 32.28 31.19 -24.47
C SER C 59 31.25 31.47 -23.37
N GLU C 60 29.98 31.43 -23.75
CA GLU C 60 28.90 31.70 -22.79
C GLU C 60 27.83 30.60 -22.86
N GLN C 61 27.63 30.04 -24.05
CA GLN C 61 26.55 29.10 -24.28
C GLN C 61 27.04 27.68 -24.59
N TYR C 62 26.18 26.91 -25.25
CA TYR C 62 26.49 25.54 -25.63
C TYR C 62 26.15 25.30 -27.08
N SER C 63 26.77 24.27 -27.66
CA SER C 63 26.45 23.86 -29.02
C SER C 63 26.09 22.38 -29.01
N ILE C 64 24.82 22.10 -29.25
CA ILE C 64 24.31 20.74 -29.25
C ILE C 64 24.37 20.15 -30.66
N THR C 65 24.90 18.93 -30.76
CA THR C 65 24.97 18.23 -32.03
C THR C 65 24.20 16.92 -32.00
N VAL C 66 23.32 16.73 -32.98
CA VAL C 66 22.56 15.49 -33.09
C VAL C 66 23.07 14.66 -34.27
N SER C 67 23.75 13.55 -33.95
CA SER C 67 24.31 12.69 -34.99
C SER C 67 23.63 11.34 -35.02
N PHE C 68 23.62 10.71 -36.19
CA PHE C 68 22.96 9.42 -36.38
C PHE C 68 23.93 8.36 -36.87
N PHE C 69 23.56 7.09 -36.67
CA PHE C 69 24.41 5.98 -37.08
C PHE C 69 24.10 5.54 -38.51
N ASP C 70 22.83 5.65 -38.89
CA ASP C 70 22.44 5.44 -40.28
C ASP C 70 22.36 6.79 -40.97
N VAL C 71 23.48 7.24 -41.52
CA VAL C 71 23.58 8.55 -42.14
C VAL C 71 22.67 8.66 -43.36
N GLY C 72 22.43 7.53 -44.00
CA GLY C 72 21.56 7.50 -45.17
C GLY C 72 20.11 7.78 -44.84
N ARG C 73 19.75 7.67 -43.57
CA ARG C 73 18.36 7.79 -43.15
C ARG C 73 18.02 9.17 -42.55
N PHE C 74 18.87 9.65 -41.65
CA PHE C 74 18.60 10.93 -40.99
C PHE C 74 19.68 11.97 -41.28
N ARG C 75 19.28 13.24 -41.27
CA ARG C 75 20.20 14.36 -41.47
C ARG C 75 20.77 14.86 -40.15
N GLU C 76 22.08 14.73 -39.97
CA GLU C 76 22.75 15.29 -38.80
C GLU C 76 22.59 16.81 -38.77
N TYR C 77 22.49 17.38 -37.58
CA TYR C 77 22.37 18.84 -37.44
C TYR C 77 22.89 19.31 -36.09
N HIS C 78 23.03 20.62 -35.94
CA HIS C 78 23.51 21.21 -34.70
C HIS C 78 22.84 22.57 -34.49
N PHE C 79 22.84 23.05 -33.25
CA PHE C 79 22.29 24.37 -32.94
C PHE C 79 22.95 24.97 -31.70
N GLU C 80 22.70 26.26 -31.48
CA GLU C 80 23.22 26.95 -30.31
C GLU C 80 22.24 26.85 -29.14
N ASP C 81 22.70 26.25 -28.05
CA ASP C 81 21.88 26.09 -26.87
C ASP C 81 22.08 27.26 -25.90
N LEU C 82 21.09 28.15 -25.85
CA LEU C 82 21.15 29.31 -24.97
C LEU C 82 20.71 28.98 -23.54
N PHE C 83 20.14 27.79 -23.35
CA PHE C 83 19.53 27.44 -22.08
C PHE C 83 20.38 26.48 -21.23
N GLY C 84 21.22 25.70 -21.89
CA GLY C 84 22.11 24.81 -21.18
C GLY C 84 21.45 23.50 -20.80
N TYR C 85 20.77 22.88 -21.76
CA TYR C 85 20.09 21.60 -21.55
C TYR C 85 21.05 20.55 -21.01
N ASP C 86 20.62 19.83 -19.98
CA ASP C 86 21.40 18.73 -19.42
C ASP C 86 20.60 17.45 -19.44
N LEU C 87 19.51 17.46 -20.19
CA LEU C 87 18.63 16.30 -20.33
C LEU C 87 18.30 16.05 -21.79
N CYS C 88 18.40 14.80 -22.22
CA CYS C 88 18.07 14.48 -23.60
C CYS C 88 17.53 13.06 -23.77
N PHE C 89 16.67 12.89 -24.76
CA PHE C 89 16.18 11.56 -25.14
C PHE C 89 16.00 11.48 -26.66
N LEU C 90 16.40 10.36 -27.24
CA LEU C 90 16.41 10.22 -28.69
C LEU C 90 15.57 9.04 -29.16
N ASN C 91 14.77 9.26 -30.20
CA ASN C 91 14.04 8.18 -30.84
C ASN C 91 14.11 8.29 -32.36
N GLU C 92 13.35 7.45 -33.06
CA GLU C 92 13.43 7.37 -34.51
C GLU C 92 12.68 8.50 -35.22
N LYS C 93 12.01 9.35 -34.45
CA LYS C 93 11.20 10.41 -35.05
C LYS C 93 11.64 11.81 -34.64
N GLY C 94 12.17 11.95 -33.43
CA GLY C 94 12.59 13.26 -32.96
C GLY C 94 13.53 13.21 -31.77
N THR C 95 13.93 14.38 -31.29
CA THR C 95 14.80 14.48 -30.12
C THR C 95 14.18 15.37 -29.04
N LEU C 96 14.22 14.92 -27.80
CA LEU C 96 13.69 15.67 -26.68
C LEU C 96 14.82 16.25 -25.84
N PHE C 97 14.72 17.54 -25.54
CA PHE C 97 15.72 18.22 -24.71
C PHE C 97 15.08 18.78 -23.44
N GLY C 98 15.86 18.82 -22.37
CA GLY C 98 15.35 19.32 -21.11
C GLY C 98 16.39 20.01 -20.24
N GLN C 99 15.95 21.06 -19.55
CA GLN C 99 16.79 21.76 -18.59
C GLN C 99 16.33 21.45 -17.16
N SER C 100 17.20 20.82 -16.38
CA SER C 100 16.81 20.27 -15.09
C SER C 100 16.43 21.31 -14.05
N LYS C 101 16.92 22.54 -14.21
CA LYS C 101 16.70 23.56 -13.18
C LYS C 101 15.59 24.55 -13.56
N THR C 102 15.59 25.02 -14.80
CA THR C 102 14.57 25.98 -15.22
C THR C 102 13.29 25.28 -15.65
N GLY C 103 13.36 23.96 -15.80
CA GLY C 103 12.21 23.17 -16.16
C GLY C 103 11.73 23.44 -17.57
N GLN C 104 12.66 23.82 -18.45
CA GLN C 104 12.32 24.04 -19.85
C GLN C 104 12.63 22.80 -20.68
N ILE C 105 11.72 22.46 -21.59
CA ILE C 105 11.93 21.35 -22.50
C ILE C 105 11.71 21.77 -23.94
N GLN C 106 12.28 21.02 -24.87
CA GLN C 106 12.10 21.29 -26.30
C GLN C 106 12.14 20.00 -27.09
N TYR C 107 11.15 19.81 -27.95
CA TYR C 107 11.10 18.63 -28.80
C TYR C 107 11.37 19.00 -30.25
N ARG C 108 12.37 18.35 -30.85
CA ARG C 108 12.73 18.60 -32.24
C ARG C 108 12.56 17.35 -33.08
N PRO C 109 11.52 17.33 -33.93
CA PRO C 109 11.34 16.22 -34.89
C PRO C 109 12.50 16.20 -35.88
N HIS C 110 12.92 15.00 -36.31
CA HIS C 110 14.00 14.87 -37.27
C HIS C 110 13.61 15.48 -38.62
N ASP C 111 12.34 15.33 -38.96
CA ASP C 111 11.83 15.85 -40.23
C ASP C 111 11.48 17.32 -40.12
N SER C 112 11.81 18.10 -41.15
CA SER C 112 11.52 19.53 -41.16
C SER C 112 10.03 19.81 -41.34
N ILE C 113 9.30 18.82 -41.85
CA ILE C 113 7.86 18.92 -42.06
C ILE C 113 7.12 19.21 -40.75
N HIS C 114 7.67 18.69 -39.66
CA HIS C 114 7.10 18.90 -38.33
C HIS C 114 7.84 20.00 -37.59
N SER C 115 7.10 20.84 -36.87
CA SER C 115 7.69 22.01 -36.21
C SER C 115 8.23 21.68 -34.82
N ASN C 116 9.31 22.36 -34.44
CA ASN C 116 9.80 22.29 -33.06
C ASN C 116 8.80 22.97 -32.14
N TRP C 117 8.65 22.43 -30.93
CA TRP C 117 7.87 23.13 -29.92
C TRP C 117 8.62 23.19 -28.60
N THR C 118 8.43 24.28 -27.87
CA THR C 118 9.11 24.50 -26.61
C THR C 118 8.07 24.76 -25.52
N LYS C 119 8.31 24.23 -24.34
CA LYS C 119 7.39 24.35 -23.23
C LYS C 119 8.16 24.39 -21.91
N ILE C 120 7.64 25.14 -20.93
CA ILE C 120 8.28 25.17 -19.61
C ILE C 120 7.47 24.38 -18.59
N ILE C 121 8.16 23.53 -17.84
CA ILE C 121 7.56 22.71 -16.80
C ILE C 121 7.55 23.47 -15.48
N PRO C 122 6.40 23.48 -14.80
CA PRO C 122 6.33 24.04 -13.44
C PRO C 122 7.26 23.31 -12.50
N LEU C 123 8.06 24.06 -11.74
CA LEU C 123 8.94 23.46 -10.76
C LEU C 123 8.82 24.19 -9.43
N GLN C 124 8.58 23.43 -8.36
CA GLN C 124 8.54 24.00 -7.02
C GLN C 124 9.96 24.26 -6.56
N ALA C 125 10.09 24.85 -5.37
CA ALA C 125 11.40 25.16 -4.82
C ALA C 125 12.22 23.89 -4.63
N GLY C 126 13.39 23.84 -5.25
CA GLY C 126 14.30 22.71 -5.10
C GLY C 126 13.91 21.50 -5.93
N GLU C 127 12.84 21.63 -6.71
CA GLU C 127 12.40 20.55 -7.58
C GLU C 127 13.14 20.61 -8.92
N ARG C 128 13.69 19.48 -9.33
CA ARG C 128 14.44 19.40 -10.58
C ARG C 128 13.88 18.32 -11.49
N ILE C 129 13.85 18.57 -12.79
CA ILE C 129 13.56 17.50 -13.74
C ILE C 129 14.71 16.50 -13.69
N THR C 130 14.38 15.23 -13.51
CA THR C 130 15.41 14.22 -13.31
C THR C 130 15.61 13.33 -14.53
N SER C 131 14.60 13.28 -15.39
CA SER C 131 14.64 12.40 -16.55
C SER C 131 13.50 12.69 -17.52
N VAL C 132 13.80 12.65 -18.82
CA VAL C 132 12.77 12.80 -19.83
C VAL C 132 12.81 11.64 -20.82
N ALA C 133 11.72 11.44 -21.54
CA ALA C 133 11.65 10.39 -22.55
C ALA C 133 10.60 10.74 -23.59
N ALA C 134 10.72 10.14 -24.77
CA ALA C 134 9.77 10.41 -25.86
C ALA C 134 9.58 9.21 -26.78
N THR C 135 8.40 9.14 -27.39
CA THR C 135 8.08 8.18 -28.42
C THR C 135 7.48 8.96 -29.58
N PRO C 136 7.07 8.29 -30.67
CA PRO C 136 6.37 9.10 -31.68
C PRO C 136 5.04 9.66 -31.22
N VAL C 137 4.50 9.21 -30.09
CA VAL C 137 3.20 9.69 -29.64
C VAL C 137 3.17 10.22 -28.21
N ARG C 138 4.28 10.10 -27.49
CA ARG C 138 4.31 10.49 -26.08
C ARG C 138 5.59 11.24 -25.68
N VAL C 139 5.43 12.24 -24.83
CA VAL C 139 6.55 12.95 -24.22
C VAL C 139 6.43 12.88 -22.70
N ILE C 140 7.48 12.41 -22.03
CA ILE C 140 7.41 12.19 -20.59
C ILE C 140 8.42 13.02 -19.82
N VAL C 141 7.97 13.60 -18.71
CA VAL C 141 8.84 14.35 -17.82
C VAL C 141 8.63 13.89 -16.37
N GLY C 142 9.74 13.57 -15.70
CA GLY C 142 9.69 13.16 -14.30
C GLY C 142 10.57 14.05 -13.44
N THR C 143 10.10 14.34 -12.23
CA THR C 143 10.82 15.25 -11.35
C THR C 143 11.25 14.56 -10.06
N SER C 144 12.06 15.25 -9.28
CA SER C 144 12.59 14.72 -8.02
C SER C 144 11.55 14.73 -6.90
N LEU C 145 10.37 15.28 -7.19
CA LEU C 145 9.28 15.27 -6.22
C LEU C 145 8.22 14.25 -6.61
N GLY C 146 8.45 13.53 -7.69
CA GLY C 146 7.54 12.48 -8.12
C GLY C 146 6.40 12.97 -9.00
N TYR C 147 6.61 14.09 -9.69
CA TYR C 147 5.62 14.58 -10.64
C TYR C 147 5.81 13.90 -12.00
N PHE C 148 4.73 13.35 -12.52
CA PHE C 148 4.76 12.62 -13.78
C PHE C 148 3.90 13.35 -14.81
N ARG C 149 4.54 14.18 -15.61
CA ARG C 149 3.84 14.97 -16.61
C ARG C 149 3.98 14.39 -18.01
N SER C 150 2.85 14.08 -18.63
CA SER C 150 2.86 13.44 -19.94
C SER C 150 2.17 14.30 -21.00
N PHE C 151 2.72 14.27 -22.22
CA PHE C 151 2.22 15.06 -23.33
C PHE C 151 2.21 14.21 -24.60
N ASN C 152 1.50 14.64 -25.63
CA ASN C 152 1.61 13.99 -26.94
C ASN C 152 2.82 14.56 -27.67
N GLN C 153 3.00 14.20 -28.93
CA GLN C 153 4.20 14.61 -29.66
C GLN C 153 4.13 16.06 -30.14
N PHE C 154 3.08 16.77 -29.75
CA PHE C 154 2.93 18.17 -30.14
C PHE C 154 2.94 19.10 -28.92
N GLY C 155 2.95 18.51 -27.72
CA GLY C 155 3.04 19.29 -26.50
C GLY C 155 1.74 19.43 -25.71
N VAL C 156 0.68 18.82 -26.22
CA VAL C 156 -0.61 18.86 -25.52
C VAL C 156 -0.56 17.98 -24.28
N PRO C 157 -0.76 18.58 -23.10
CA PRO C 157 -0.72 17.84 -21.83
C PRO C 157 -1.87 16.84 -21.69
N PHE C 158 -1.59 15.69 -21.07
CA PHE C 158 -2.60 14.65 -20.93
C PHE C 158 -3.00 14.44 -19.48
N ALA C 159 -2.01 14.34 -18.59
CA ALA C 159 -2.28 14.21 -17.17
C ALA C 159 -1.05 14.57 -16.35
N VAL C 160 -1.30 15.09 -15.15
CA VAL C 160 -0.22 15.30 -14.20
C VAL C 160 -0.43 14.32 -13.05
N GLU C 161 0.51 13.41 -12.89
CA GLU C 161 0.42 12.38 -11.86
C GLU C 161 1.44 12.60 -10.76
N LYS C 162 1.09 12.24 -9.54
CA LYS C 162 2.01 12.31 -8.42
C LYS C 162 2.43 10.89 -8.03
N THR C 163 3.74 10.63 -8.06
CA THR C 163 4.28 9.32 -7.71
C THR C 163 5.45 9.48 -6.76
N SER C 164 6.22 8.40 -6.59
CA SER C 164 7.49 8.46 -5.89
C SER C 164 8.46 9.25 -6.75
N PRO C 165 9.48 9.86 -6.11
CA PRO C 165 10.50 10.59 -6.86
C PRO C 165 11.09 9.78 -8.01
N ILE C 166 11.06 10.35 -9.21
CA ILE C 166 11.53 9.67 -10.41
C ILE C 166 13.01 9.97 -10.63
N VAL C 167 13.78 8.94 -10.95
CA VAL C 167 15.20 9.13 -11.22
C VAL C 167 15.55 8.75 -12.65
N ALA C 168 14.78 7.85 -13.26
CA ALA C 168 15.06 7.42 -14.63
C ALA C 168 13.78 7.03 -15.38
N LEU C 169 13.68 7.51 -16.61
CA LEU C 169 12.53 7.24 -17.47
C LEU C 169 12.96 6.67 -18.82
N THR C 170 12.12 5.81 -19.39
CA THR C 170 12.29 5.37 -20.76
C THR C 170 10.93 4.91 -21.29
N ALA C 171 10.76 4.95 -22.61
CA ALA C 171 9.47 4.65 -23.19
C ALA C 171 9.59 4.00 -24.56
N GLN C 172 8.51 3.37 -24.99
CA GLN C 172 8.42 2.72 -26.29
C GLN C 172 6.95 2.70 -26.70
N ASN C 173 6.63 3.43 -27.77
CA ASN C 173 5.25 3.61 -28.21
C ASN C 173 4.39 4.20 -27.10
N TYR C 174 3.57 3.37 -26.47
CA TYR C 174 2.69 3.86 -25.41
C TYR C 174 3.14 3.40 -24.03
N ARG C 175 4.02 2.40 -24.00
CA ARG C 175 4.52 1.86 -22.74
C ARG C 175 5.57 2.78 -22.12
N VAL C 176 5.61 2.80 -20.78
CA VAL C 176 6.59 3.59 -20.05
C VAL C 176 7.23 2.77 -18.94
N PHE C 177 8.55 2.87 -18.82
CA PHE C 177 9.29 2.18 -17.78
C PHE C 177 10.04 3.22 -16.93
N SER C 178 9.57 3.42 -15.70
CA SER C 178 10.14 4.43 -14.81
C SER C 178 10.86 3.81 -13.61
N VAL C 179 11.95 4.46 -13.21
CA VAL C 179 12.69 4.04 -12.02
C VAL C 179 12.52 5.09 -10.93
N HIS C 180 12.21 4.65 -9.72
CA HIS C 180 11.90 5.57 -8.63
C HIS C 180 12.80 5.34 -7.42
N TYR C 181 12.92 6.36 -6.58
CA TYR C 181 13.71 6.25 -5.36
C TYR C 181 12.92 6.56 -4.10
N SER C 182 12.90 5.60 -3.18
CA SER C 182 12.29 5.81 -1.87
C SER C 182 13.37 5.95 -0.81
N GLN C 183 13.13 6.84 0.16
CA GLN C 183 14.05 7.02 1.28
C GLN C 183 14.22 5.72 2.06
N PHE C 184 13.17 4.91 2.03
CA PHE C 184 13.09 3.72 2.87
C PHE C 184 13.71 2.49 2.22
N HIS C 185 13.13 2.03 1.12
CA HIS C 185 13.58 0.79 0.49
C HIS C 185 14.33 1.00 -0.82
N GLY C 186 14.88 2.19 -1.02
CA GLY C 186 15.73 2.47 -2.16
C GLY C 186 15.06 2.44 -3.52
N LEU C 187 15.70 1.78 -4.48
CA LEU C 187 15.26 1.81 -5.87
C LEU C 187 14.09 0.88 -6.16
N SER C 188 13.14 1.40 -6.95
CA SER C 188 11.99 0.64 -7.42
C SER C 188 11.65 1.01 -8.85
N TYR C 189 10.82 0.20 -9.50
CA TYR C 189 10.46 0.45 -10.88
C TYR C 189 8.96 0.32 -11.11
N SER C 190 8.46 1.08 -12.08
CA SER C 190 7.08 0.94 -12.53
C SER C 190 7.02 0.68 -14.02
N LEU C 191 5.96 0.03 -14.46
CA LEU C 191 5.73 -0.24 -15.87
C LEU C 191 4.28 0.05 -16.20
N SER C 192 4.04 0.84 -17.24
CA SER C 192 2.68 1.28 -17.53
C SER C 192 2.44 1.63 -18.99
N GLU C 193 1.18 1.61 -19.39
CA GLU C 193 0.78 2.05 -20.73
C GLU C 193 -0.02 3.34 -20.67
N LEU C 194 0.42 4.33 -21.45
CA LEU C 194 -0.29 5.60 -21.55
C LEU C 194 -1.21 5.63 -22.75
N GLY C 195 -2.06 4.60 -22.87
CA GLY C 195 -2.95 4.48 -24.01
C GLY C 195 -3.98 5.60 -24.10
N THR C 196 -4.78 5.57 -25.15
CA THR C 196 -5.80 6.59 -25.35
C THR C 196 -6.99 6.39 -24.42
N SER C 197 -7.04 5.24 -23.75
CA SER C 197 -8.10 4.93 -22.81
C SER C 197 -7.76 5.51 -21.42
N SER C 198 -6.74 4.95 -20.78
CA SER C 198 -6.29 5.41 -19.48
C SER C 198 -4.93 4.80 -19.15
N LYS C 199 -4.16 5.46 -18.29
CA LYS C 199 -2.88 4.92 -17.86
C LYS C 199 -3.09 3.63 -17.06
N ARG C 200 -2.54 2.54 -17.56
CA ARG C 200 -2.67 1.25 -16.89
C ARG C 200 -1.33 0.77 -16.38
N TYR C 201 -1.27 0.44 -15.09
CA TYR C 201 -0.05 -0.06 -14.47
C TYR C 201 0.05 -1.58 -14.53
N TYR C 202 1.14 -2.09 -15.10
CA TYR C 202 1.42 -3.52 -15.07
C TYR C 202 2.20 -3.86 -13.81
N LYS C 203 3.19 -3.02 -13.51
CA LYS C 203 3.98 -3.15 -12.30
C LYS C 203 4.05 -1.78 -11.63
N ARG C 204 3.80 -1.72 -10.32
CA ARG C 204 3.78 -0.45 -9.62
C ARG C 204 4.75 -0.44 -8.44
N GLU C 205 5.92 0.18 -8.66
CA GLU C 205 6.95 0.36 -7.64
C GLU C 205 7.37 -0.94 -6.97
N CYS C 206 7.62 -1.95 -7.81
CA CYS C 206 8.16 -3.24 -7.35
C CYS C 206 9.67 -3.12 -7.19
N PRO C 207 10.28 -4.07 -6.44
CA PRO C 207 11.74 -4.06 -6.22
C PRO C 207 12.56 -4.09 -7.51
N LEU C 208 13.55 -3.19 -7.58
CA LEU C 208 14.51 -3.19 -8.68
C LEU C 208 15.79 -3.89 -8.23
N PRO C 209 16.03 -5.11 -8.76
CA PRO C 209 17.14 -5.98 -8.30
C PRO C 209 18.52 -5.48 -8.71
N MET C 210 18.62 -4.26 -9.22
CA MET C 210 19.88 -3.72 -9.70
C MET C 210 20.85 -3.46 -8.54
N SER C 211 22.14 -3.68 -8.81
CA SER C 211 23.18 -3.50 -7.79
C SER C 211 23.76 -2.09 -7.82
N LEU C 212 23.70 -1.42 -6.67
CA LEU C 212 24.24 -0.07 -6.52
C LEU C 212 25.77 -0.08 -6.57
N PRO C 213 26.38 1.05 -7.00
CA PRO C 213 27.83 1.18 -7.07
C PRO C 213 28.52 0.94 -5.72
N ASN C 214 29.73 0.39 -5.76
CA ASN C 214 30.48 0.10 -4.54
C ASN C 214 30.98 1.38 -3.86
N ASP C 222 39.58 7.20 -7.14
CA ASP C 222 39.16 6.50 -8.34
C ASP C 222 39.17 7.45 -9.54
N ALA C 223 39.45 6.90 -10.72
CA ALA C 223 39.47 7.70 -11.94
C ALA C 223 38.06 7.97 -12.44
N ASN C 224 37.19 6.96 -12.32
CA ASN C 224 35.80 7.09 -12.74
C ASN C 224 34.91 7.56 -11.61
N LEU C 225 35.45 8.41 -10.73
CA LEU C 225 34.67 8.97 -9.64
C LEU C 225 33.81 10.11 -10.16
N ASP C 226 34.28 10.77 -11.22
CA ASP C 226 33.52 11.83 -11.87
C ASP C 226 32.19 11.29 -12.39
N TYR C 227 32.17 10.02 -12.78
CA TYR C 227 30.96 9.42 -13.32
C TYR C 227 29.93 9.16 -12.22
N TYR C 228 30.39 8.70 -11.07
CA TYR C 228 29.47 8.33 -10.00
C TYR C 228 28.94 9.55 -9.25
N ASN C 229 29.54 10.70 -9.50
CA ASN C 229 28.97 11.97 -9.05
C ASN C 229 27.95 12.45 -10.08
N PHE C 230 28.22 12.12 -11.33
CA PHE C 230 27.35 12.47 -12.45
C PHE C 230 26.11 11.59 -12.45
N ASN C 231 26.30 10.32 -12.07
CA ASN C 231 25.20 9.37 -11.95
C ASN C 231 25.36 8.52 -10.69
N PRO C 232 24.79 8.99 -9.57
CA PRO C 232 24.88 8.32 -8.27
C PRO C 232 24.27 6.92 -8.27
N MET C 233 23.23 6.73 -9.08
CA MET C 233 22.51 5.46 -9.11
C MET C 233 23.19 4.42 -9.99
N GLY C 234 24.20 4.87 -10.74
CA GLY C 234 25.02 3.96 -11.51
C GLY C 234 24.32 3.30 -12.69
N ILE C 235 23.09 3.70 -12.94
CA ILE C 235 22.34 3.19 -14.08
C ILE C 235 22.87 3.79 -15.37
N LYS C 236 23.70 3.03 -16.08
CA LYS C 236 24.36 3.54 -17.28
C LYS C 236 23.34 3.86 -18.37
N SER C 237 22.44 2.92 -18.64
CA SER C 237 21.35 3.17 -19.57
C SER C 237 20.20 2.21 -19.32
N LEU C 238 19.04 2.52 -19.89
CA LEU C 238 17.87 1.65 -19.78
C LEU C 238 16.96 1.86 -20.98
N PHE C 239 16.28 0.79 -21.38
CA PHE C 239 15.49 0.80 -22.60
C PHE C 239 14.60 -0.43 -22.72
N PHE C 240 13.66 -0.37 -23.65
CA PHE C 240 12.90 -1.56 -24.01
C PHE C 240 13.67 -2.32 -25.08
N SER C 241 13.49 -3.64 -25.09
CA SER C 241 14.05 -4.45 -26.17
C SER C 241 13.25 -4.21 -27.45
N SER C 242 13.67 -4.82 -28.55
CA SER C 242 12.92 -4.70 -29.80
C SER C 242 11.59 -5.43 -29.67
N TYR C 243 11.50 -6.33 -28.69
CA TYR C 243 10.30 -7.10 -28.46
C TYR C 243 9.55 -6.65 -27.21
N GLY C 244 9.87 -5.45 -26.73
CA GLY C 244 9.05 -4.78 -25.72
C GLY C 244 9.33 -5.08 -24.26
N ASP C 245 10.50 -5.64 -23.96
CA ASP C 245 10.85 -5.93 -22.57
C ASP C 245 11.80 -4.89 -21.99
N PRO C 246 11.49 -4.39 -20.78
CA PRO C 246 12.32 -3.42 -20.08
C PRO C 246 13.72 -3.96 -19.77
N CYS C 247 14.75 -3.24 -20.20
CA CYS C 247 16.13 -3.63 -19.92
C CYS C 247 16.84 -2.55 -19.12
N ILE C 248 17.78 -2.96 -18.28
CA ILE C 248 18.56 -1.99 -17.50
C ILE C 248 20.02 -2.46 -17.45
N PHE C 249 20.94 -1.50 -17.48
CA PHE C 249 22.37 -1.78 -17.51
C PHE C 249 23.07 -1.02 -16.39
N GLY C 250 23.50 -1.76 -15.37
CA GLY C 250 24.02 -1.12 -14.16
C GLY C 250 25.52 -1.00 -14.07
N SER C 251 25.99 -0.56 -12.91
CA SER C 251 27.42 -0.40 -12.64
C SER C 251 28.14 -1.73 -12.66
N ASP C 252 27.41 -2.82 -12.39
CA ASP C 252 27.98 -4.15 -12.44
C ASP C 252 28.03 -4.66 -13.87
N ASN C 253 27.66 -3.80 -14.82
CA ASN C 253 27.79 -4.07 -16.24
C ASN C 253 27.05 -5.32 -16.70
N THR C 254 25.93 -5.63 -16.05
CA THR C 254 25.12 -6.77 -16.43
C THR C 254 23.79 -6.33 -17.04
N LEU C 255 23.51 -6.79 -18.25
CA LEU C 255 22.25 -6.47 -18.91
C LEU C 255 21.11 -7.27 -18.30
N LEU C 256 20.23 -6.59 -17.57
CA LEU C 256 19.10 -7.22 -16.91
C LEU C 256 17.83 -7.07 -17.73
N LEU C 257 17.16 -8.20 -17.99
CA LEU C 257 15.94 -8.22 -18.80
C LEU C 257 14.71 -8.64 -17.99
N LEU C 258 13.66 -7.85 -18.07
CA LEU C 258 12.42 -8.17 -17.38
C LEU C 258 11.51 -9.02 -18.26
N SER C 259 11.41 -10.30 -17.95
CA SER C 259 10.61 -11.22 -18.74
C SER C 259 9.25 -11.49 -18.09
N LYS C 260 8.25 -11.75 -18.92
CA LYS C 260 6.90 -12.08 -18.47
C LYS C 260 6.35 -11.05 -17.50
N TRP C 261 6.29 -9.79 -17.92
CA TRP C 261 5.77 -8.73 -17.07
C TRP C 261 4.26 -8.59 -17.24
N ARG C 262 3.71 -9.19 -18.29
CA ARG C 262 2.27 -9.22 -18.47
C ARG C 262 1.63 -10.19 -17.46
N SER C 263 2.44 -11.09 -16.93
CA SER C 263 1.99 -12.04 -15.92
C SER C 263 2.69 -11.75 -14.60
N PRO C 264 2.06 -10.93 -13.74
CA PRO C 264 2.62 -10.44 -12.47
C PRO C 264 3.16 -11.54 -11.56
N GLU C 265 2.68 -12.76 -11.73
CA GLU C 265 3.11 -13.88 -10.91
C GLU C 265 4.45 -14.45 -11.40
N GLU C 266 4.63 -14.47 -12.71
CA GLU C 266 5.79 -15.13 -13.31
C GLU C 266 6.91 -14.15 -13.71
N SER C 267 6.78 -12.89 -13.30
CA SER C 267 7.76 -11.87 -13.69
C SER C 267 9.13 -12.09 -13.04
N LYS C 268 10.16 -12.26 -13.87
CA LYS C 268 11.52 -12.41 -13.38
C LYS C 268 12.46 -11.43 -14.09
N TRP C 269 13.46 -10.95 -13.37
CA TRP C 269 14.56 -10.22 -13.99
C TRP C 269 15.66 -11.20 -14.36
N LEU C 270 16.07 -11.18 -15.61
CA LEU C 270 17.07 -12.14 -16.10
C LEU C 270 18.36 -11.47 -16.50
N PRO C 271 19.49 -11.89 -15.89
CA PRO C 271 20.82 -11.44 -16.29
C PRO C 271 21.27 -12.13 -17.58
N ILE C 272 20.70 -11.73 -18.71
CA ILE C 272 20.94 -12.40 -19.98
C ILE C 272 22.29 -12.05 -20.59
N LEU C 273 23.06 -11.21 -19.93
CA LEU C 273 24.39 -10.86 -20.41
C LEU C 273 25.29 -10.28 -19.33
N ASP C 274 26.41 -10.96 -19.08
CA ASP C 274 27.47 -10.41 -18.26
C ASP C 274 28.60 -9.98 -19.18
N SER C 275 28.68 -8.68 -19.44
CA SER C 275 29.63 -8.15 -20.41
C SER C 275 31.08 -8.34 -19.95
N ASN C 276 31.28 -8.42 -18.64
CA ASN C 276 32.61 -8.64 -18.09
C ASN C 276 33.19 -9.99 -18.52
N MET C 277 32.32 -10.99 -18.65
CA MET C 277 32.73 -12.31 -19.09
C MET C 277 33.06 -12.33 -20.58
N GLU C 278 32.23 -11.66 -21.37
CA GLU C 278 32.37 -11.67 -22.83
C GLU C 278 33.63 -10.94 -23.30
N ILE C 279 34.01 -9.89 -22.60
CA ILE C 279 35.26 -9.19 -22.90
C ILE C 279 36.44 -10.07 -22.55
N TRP C 280 36.35 -10.74 -21.40
CA TRP C 280 37.40 -11.64 -20.92
C TRP C 280 37.64 -12.79 -21.88
N LYS C 281 36.58 -13.23 -22.56
CA LYS C 281 36.69 -14.31 -23.53
C LYS C 281 37.26 -13.81 -24.86
N MET C 282 36.99 -12.54 -25.18
CA MET C 282 37.53 -11.92 -26.38
C MET C 282 39.02 -11.64 -26.23
N SER C 283 39.47 -11.50 -24.99
CA SER C 283 40.87 -11.19 -24.71
C SER C 283 41.73 -12.45 -24.61
N GLY C 284 41.14 -13.59 -24.92
CA GLY C 284 41.84 -14.86 -24.88
C GLY C 284 41.86 -15.49 -23.50
N GLY C 285 41.49 -14.71 -22.49
CA GLY C 285 41.48 -15.17 -21.11
C GLY C 285 42.29 -14.28 -20.20
N LYS C 286 42.56 -13.06 -20.65
CA LYS C 286 43.36 -12.11 -19.88
C LYS C 286 42.49 -10.98 -19.34
N GLU C 287 42.84 -10.50 -18.14
CA GLU C 287 42.08 -9.44 -17.48
C GLU C 287 42.50 -8.05 -17.94
N THR C 288 41.73 -7.47 -18.85
CA THR C 288 42.01 -6.12 -19.35
C THR C 288 41.34 -5.07 -18.48
N THR C 289 42.01 -3.93 -18.32
CA THR C 289 41.46 -2.83 -17.54
C THR C 289 41.32 -1.57 -18.41
N ASP C 290 41.40 -1.77 -19.73
CA ASP C 290 41.28 -0.66 -20.67
C ASP C 290 40.13 -0.88 -21.65
N ILE C 291 39.26 -1.84 -21.34
CA ILE C 291 38.11 -2.13 -22.20
C ILE C 291 36.81 -2.13 -21.39
N HIS C 292 35.83 -1.34 -21.85
CA HIS C 292 34.55 -1.26 -21.17
C HIS C 292 33.39 -1.19 -22.17
N VAL C 293 32.23 -1.70 -21.75
CA VAL C 293 31.04 -1.72 -22.61
C VAL C 293 30.09 -0.57 -22.26
N TRP C 294 29.62 0.12 -23.30
CA TRP C 294 28.67 1.20 -23.14
C TRP C 294 27.38 0.86 -23.90
N PRO C 295 26.29 0.57 -23.16
CA PRO C 295 25.05 0.06 -23.75
C PRO C 295 24.30 1.07 -24.60
N LEU C 296 23.82 0.63 -25.78
CA LEU C 296 23.00 1.48 -26.62
C LEU C 296 21.56 0.96 -26.67
N ALA C 297 21.40 -0.30 -27.04
CA ALA C 297 20.08 -0.92 -27.12
C ALA C 297 20.17 -2.44 -27.19
N LEU C 298 19.01 -3.10 -27.24
CA LEU C 298 18.95 -4.55 -27.40
C LEU C 298 18.03 -4.92 -28.55
N ALA C 299 18.62 -5.40 -29.63
CA ALA C 299 17.85 -5.73 -30.84
C ALA C 299 17.69 -7.25 -31.00
N TYR C 300 16.70 -7.79 -30.32
CA TYR C 300 16.42 -9.23 -30.34
C TYR C 300 17.61 -10.07 -29.86
N ASP C 301 18.60 -10.26 -30.73
CA ASP C 301 19.66 -11.23 -30.46
C ASP C 301 21.02 -10.64 -30.11
N THR C 302 21.23 -9.36 -30.42
CA THR C 302 22.51 -8.73 -30.12
C THR C 302 22.35 -7.48 -29.25
N LEU C 303 23.39 -7.19 -28.47
CA LEU C 303 23.44 -5.96 -27.69
C LEU C 303 24.25 -4.90 -28.42
N ASN C 304 23.56 -3.91 -28.96
N ASN C 304 23.56 -3.90 -28.96
CA ASN C 304 24.23 -2.77 -29.59
CA ASN C 304 24.23 -2.78 -29.60
C ASN C 304 24.97 -1.96 -28.53
C ASN C 304 24.96 -1.94 -28.55
N CYS C 305 26.25 -1.73 -28.74
CA CYS C 305 27.07 -1.04 -27.74
C CYS C 305 28.28 -0.29 -28.30
N ILE C 306 29.02 0.31 -27.37
CA ILE C 306 30.23 1.04 -27.70
C ILE C 306 31.39 0.52 -26.86
N LEU C 307 32.38 -0.09 -27.51
CA LEU C 307 33.54 -0.63 -26.80
C LEU C 307 34.55 0.47 -26.50
N VAL C 308 34.65 0.84 -25.23
CA VAL C 308 35.49 1.96 -24.81
C VAL C 308 36.92 1.54 -24.51
N LYS C 309 37.87 2.18 -25.18
CA LYS C 309 39.28 1.92 -24.95
C LYS C 309 39.93 3.08 -24.20
N GLY C 310 40.20 2.88 -22.91
CA GLY C 310 40.83 3.91 -22.10
C GLY C 310 40.71 3.71 -20.61
N LYS C 311 41.12 4.72 -19.86
CA LYS C 311 41.05 4.69 -18.39
C LYS C 311 39.63 4.96 -17.92
N HIS C 312 38.90 5.77 -18.69
CA HIS C 312 37.52 6.11 -18.37
C HIS C 312 36.57 5.03 -18.87
N ILE C 313 35.50 4.79 -18.11
CA ILE C 313 34.52 3.78 -18.48
C ILE C 313 33.51 4.35 -19.48
N TRP C 314 33.56 5.66 -19.68
CA TRP C 314 32.63 6.31 -20.61
C TRP C 314 33.36 6.79 -21.86
N PRO C 315 32.72 6.64 -23.03
CA PRO C 315 33.30 7.01 -24.33
C PRO C 315 33.55 8.51 -24.44
N GLU C 316 34.50 8.88 -25.28
CA GLU C 316 34.80 10.29 -25.53
C GLU C 316 34.79 10.57 -27.03
N PHE C 317 35.53 11.59 -27.45
CA PHE C 317 35.52 12.01 -28.84
C PHE C 317 36.85 11.70 -29.51
N PRO C 318 36.80 11.09 -30.71
CA PRO C 318 35.58 10.71 -31.43
C PRO C 318 34.95 9.40 -30.93
N LEU C 319 33.68 9.22 -31.27
CA LEU C 319 32.95 8.02 -30.89
C LEU C 319 33.29 6.87 -31.85
N PRO C 320 33.75 5.74 -31.30
CA PRO C 320 34.07 4.56 -32.13
C PRO C 320 32.82 3.96 -32.78
N LEU C 321 33.02 3.13 -33.80
CA LEU C 321 31.91 2.47 -34.47
C LEU C 321 31.17 1.56 -33.51
N PRO C 322 29.83 1.53 -33.61
CA PRO C 322 29.01 0.67 -32.76
C PRO C 322 29.37 -0.81 -32.95
N SER C 323 29.43 -1.54 -31.84
CA SER C 323 29.68 -2.97 -31.88
C SER C 323 28.39 -3.74 -31.58
N GLU C 324 28.47 -5.06 -31.64
CA GLU C 324 27.35 -5.92 -31.27
C GLU C 324 27.83 -7.09 -30.42
N MET C 325 27.03 -7.44 -29.41
CA MET C 325 27.35 -8.57 -28.57
C MET C 325 26.21 -9.59 -28.59
N GLU C 326 26.51 -10.77 -29.10
CA GLU C 326 25.54 -11.87 -29.14
C GLU C 326 25.12 -12.24 -27.72
N ILE C 327 23.83 -12.50 -27.53
CA ILE C 327 23.30 -12.78 -26.20
C ILE C 327 23.64 -14.20 -25.74
#